data_5M00
#
_entry.id   5M00
#
_cell.length_a   258.455
_cell.length_b   46.941
_cell.length_c   90.253
_cell.angle_alpha   90.00
_cell.angle_beta   94.24
_cell.angle_gamma   90.00
#
_symmetry.space_group_name_H-M   'C 1 2 1'
#
loop_
_entity.id
_entity.type
_entity.pdbx_description
1 polymer 'H-2 class I histocompatibility antigen, D-B alpha chain'
2 polymer Beta-2-microglobulin
3 polymer 'Protein Trav14-1,Uncharacterized protein'
4 polymer 'T-cell receptor beta chain V region C5,Uncharacterized protein'
5 polymer 'LCMV-DERIVED GP33 ALTERED PEPTIDE LIGAND Y4A'
6 water water
#
loop_
_entity_poly.entity_id
_entity_poly.type
_entity_poly.pdbx_seq_one_letter_code
_entity_poly.pdbx_strand_id
1 'polypeptide(L)'
;GPHSMRYFETAVSRPGLEEPRYISVGYVDNKEFVRFDSDAENPRYEPRAPWMEQEGPEYWERETQKAKGQEQWFRVSLRN
LLGYYNQSAGGSHTLQQMSGCDLGSDWRLLRGYLQFAYEGRDYIALNEDLKTWTAADMAAQITRRKWEQSGAAEHYKAYL
EGECVEWLHRYLKNGNATLLRTDSPKAHVTHHPRSKGEVTLRCWALGFYPADITLTWQLNGEELTQDMELVETRPAGDGT
FQKWASVVVPLGKEQNYTCRVYHEGLPEPLTLRWEP
;
A
2 'polypeptide(L)'
;MARSVTLVFLVLVSLTGLMGIQKTPQIQVYSRHPPENGKPNILNCYVTQFHPPHIEIQMLKNGKKIPKVEMSDMSFSKDW
SFYILAHTEFTPTETDTYACRVKHDSMAEPKTVYWDRDM
;
B
3 'polypeptide(L)'
;QQKEKHDQQQVRQSPQSLTVWEGGTTVLTCSYEDSTFNYFPWYQQFPGEGPALLISILSVSDKKEDGRFTTFFNKREKKL
SLHIIDSQPGDSATYFCAALYGNEKITFGAGTKLTIKPNIQNPEPAVYQLKDPRSQDSTLCLFTDFDSQINVPKTMESGT
FITDKCVLDMKAMDSKSNGAIAWSNQTSFTCQDIFKETNATYPSS
;
G
4 'polypeptide(L)'
;AVTQSPRSKVAVTGGKVTLSCHQTNNHDYMYWYRQDTGHGLRLIHYSYVADSTEKGDIPDGYKASRPSQENFSLILELAS
LSQTAVYFCASSDAGGRNTLYFGAGTRLSVLEDLRNVTPPKVSLFEPSKAEIANKQKATLVCLARGFFPDHVELSWWVNG
KEVHSGVCTDPQAYKESNYSYSLSSRLRVSATFWHNPRNHFRCQVQFHGLSEEDKWPEGSPKPVTQNISAEAWGRADC
;
H
5 'polypeptide(L)' KAVANFATM P
#
# COMPACT_ATOMS: atom_id res chain seq x y z
N GLY A 1 -0.02 -8.91 35.63
CA GLY A 1 0.34 -7.44 35.72
C GLY A 1 0.19 -6.79 34.35
N PRO A 2 0.46 -5.48 34.26
CA PRO A 2 0.36 -4.81 32.95
C PRO A 2 1.56 -5.15 32.05
N HIS A 3 1.36 -4.98 30.76
CA HIS A 3 2.38 -5.27 29.80
C HIS A 3 2.25 -4.24 28.67
N SER A 4 3.35 -4.07 27.91
CA SER A 4 3.37 -3.17 26.79
C SER A 4 4.19 -3.74 25.63
N MET A 5 3.86 -3.29 24.44
CA MET A 5 4.68 -3.50 23.29
C MET A 5 4.86 -2.13 22.62
N ARG A 6 6.05 -1.87 22.11
CA ARG A 6 6.30 -0.67 21.34
C ARG A 6 7.22 -1.00 20.18
N TYR A 7 7.02 -0.31 19.07
CA TYR A 7 7.99 -0.22 18.01
C TYR A 7 8.40 1.25 17.89
N PHE A 8 9.71 1.47 17.97
CA PHE A 8 10.35 2.78 17.87
C PHE A 8 11.13 2.76 16.56
N GLU A 9 10.79 3.67 15.65
CA GLU A 9 11.32 3.74 14.27
C GLU A 9 11.90 5.10 14.02
N THR A 10 13.02 5.12 13.31
CA THR A 10 13.75 6.30 13.00
C THR A 10 14.17 6.22 11.53
N ALA A 11 13.89 7.31 10.79
CA ALA A 11 14.53 7.54 9.50
C ALA A 11 15.30 8.85 9.50
N VAL A 12 16.57 8.76 9.11
CA VAL A 12 17.43 9.92 9.05
C VAL A 12 18.02 10.10 7.64
N SER A 13 17.75 11.26 7.04
CA SER A 13 18.23 11.55 5.68
C SER A 13 19.64 12.05 5.81
N ARG A 14 20.38 11.86 4.73
CA ARG A 14 21.81 12.17 4.66
C ARG A 14 22.05 13.02 3.43
N PRO A 15 22.86 14.07 3.58
CA PRO A 15 23.12 14.96 2.43
C PRO A 15 23.75 14.33 1.17
N GLY A 16 24.46 13.22 1.31
CA GLY A 16 25.16 12.66 0.15
C GLY A 16 24.27 11.88 -0.82
N LEU A 17 24.83 10.87 -1.46
CA LEU A 17 24.09 10.03 -2.37
C LEU A 17 23.21 8.99 -1.69
N GLU A 18 23.46 8.72 -0.42
CA GLU A 18 22.87 7.61 0.24
C GLU A 18 21.42 7.93 0.58
N GLU A 19 20.59 6.90 0.46
CA GLU A 19 19.20 6.94 0.93
C GLU A 19 19.15 7.14 2.45
N PRO A 20 17.97 7.48 2.99
CA PRO A 20 17.90 7.64 4.44
C PRO A 20 18.21 6.35 5.18
N ARG A 21 18.82 6.45 6.35
CA ARG A 21 18.98 5.26 7.17
C ARG A 21 17.70 5.03 7.98
N TYR A 22 17.23 3.80 7.96
CA TYR A 22 15.98 3.41 8.60
C TYR A 22 16.29 2.32 9.65
N ILE A 23 15.83 2.57 10.88
CA ILE A 23 16.03 1.65 12.01
C ILE A 23 14.71 1.46 12.73
N SER A 24 14.34 0.21 12.97
CA SER A 24 13.18 -0.12 13.77
C SER A 24 13.58 -1.03 14.89
N VAL A 25 13.11 -0.69 16.10
CA VAL A 25 13.38 -1.49 17.28
C VAL A 25 12.05 -1.81 17.97
N GLY A 26 11.83 -3.10 18.24
CA GLY A 26 10.67 -3.58 18.97
C GLY A 26 11.01 -3.85 20.41
N TYR A 27 10.09 -3.55 21.33
CA TYR A 27 10.23 -3.77 22.74
C TYR A 27 9.00 -4.46 23.30
N VAL A 28 9.22 -5.39 24.24
CA VAL A 28 8.13 -5.96 25.03
C VAL A 28 8.47 -5.64 26.45
N ASP A 29 7.54 -5.02 27.14
CA ASP A 29 7.79 -4.58 28.51
C ASP A 29 9.13 -3.84 28.65
N ASN A 30 9.40 -2.96 27.70
CA ASN A 30 10.62 -2.16 27.71
C ASN A 30 11.88 -2.93 27.45
N LYS A 31 11.80 -4.19 27.04
CA LYS A 31 12.99 -4.96 26.72
C LYS A 31 13.07 -5.12 25.19
N GLU A 32 14.17 -4.70 24.60
CA GLU A 32 14.37 -4.82 23.15
C GLU A 32 14.28 -6.30 22.72
N PHE A 33 13.42 -6.60 21.73
CA PHE A 33 13.26 -7.97 21.27
C PHE A 33 13.47 -8.20 19.77
N VAL A 34 13.32 -7.18 18.95
CA VAL A 34 13.72 -7.27 17.52
C VAL A 34 14.32 -5.94 17.10
N ARG A 35 15.06 -5.99 16.00
CA ARG A 35 15.66 -4.81 15.41
C ARG A 35 15.92 -5.03 13.93
N PHE A 36 15.68 -3.96 13.17
CA PHE A 36 15.96 -3.85 11.75
C PHE A 36 16.76 -2.57 11.53
N ASP A 37 17.79 -2.68 10.70
CA ASP A 37 18.66 -1.55 10.40
C ASP A 37 19.08 -1.62 8.93
N SER A 38 18.65 -0.63 8.16
CA SER A 38 18.94 -0.57 6.70
C SER A 38 20.43 -0.47 6.38
N ASP A 39 21.25 -0.06 7.36
CA ASP A 39 22.71 -0.04 7.16
C ASP A 39 23.42 -1.42 7.27
N ALA A 40 22.76 -2.48 7.78
CA ALA A 40 23.36 -3.83 7.82
C ALA A 40 23.64 -4.34 6.40
N GLU A 41 24.67 -5.16 6.22
CA GLU A 41 24.97 -5.75 4.89
C GLU A 41 23.77 -6.54 4.33
N ASN A 42 23.07 -7.26 5.19
CA ASN A 42 21.82 -7.94 4.83
C ASN A 42 20.67 -7.38 5.69
N PRO A 43 20.10 -6.24 5.31
CA PRO A 43 19.08 -5.68 6.22
C PRO A 43 17.90 -6.65 6.42
N ARG A 44 17.66 -7.00 7.66
CA ARG A 44 16.50 -7.81 8.02
C ARG A 44 16.21 -7.65 9.49
N TYR A 45 14.99 -7.95 9.85
CA TYR A 45 14.64 -8.00 11.25
C TYR A 45 15.41 -9.17 11.86
N GLU A 46 16.01 -8.93 13.02
CA GLU A 46 16.76 -9.91 13.78
C GLU A 46 16.23 -10.06 15.19
N PRO A 47 16.24 -11.29 15.75
CA PRO A 47 15.85 -11.43 17.16
C PRO A 47 16.87 -10.79 18.08
N ARG A 48 16.40 -10.12 19.13
CA ARG A 48 17.29 -9.49 20.09
C ARG A 48 17.04 -10.02 21.53
N ALA A 49 16.19 -11.02 21.64
CA ALA A 49 15.92 -11.67 22.94
C ALA A 49 15.84 -13.17 22.67
N PRO A 50 16.35 -14.02 23.58
CA PRO A 50 16.44 -15.46 23.22
C PRO A 50 15.09 -16.15 22.91
N TRP A 51 14.04 -15.70 23.59
CA TRP A 51 12.70 -16.22 23.37
C TRP A 51 12.07 -15.98 21.97
N MET A 52 12.61 -15.04 21.19
CA MET A 52 12.21 -14.86 19.79
C MET A 52 12.74 -15.91 18.80
N GLU A 53 13.68 -16.75 19.23
CA GLU A 53 14.12 -17.88 18.41
C GLU A 53 13.06 -18.96 18.12
N GLN A 54 11.91 -18.90 18.77
CA GLN A 54 10.76 -19.78 18.48
C GLN A 54 10.08 -19.50 17.14
N GLU A 55 10.16 -18.27 16.65
CA GLU A 55 9.47 -17.90 15.43
C GLU A 55 10.13 -18.57 14.20
N GLY A 56 9.31 -19.02 13.26
CA GLY A 56 9.79 -19.67 12.04
C GLY A 56 10.38 -18.70 11.01
N PRO A 57 10.96 -19.23 9.93
CA PRO A 57 11.59 -18.35 8.90
C PRO A 57 10.59 -17.33 8.28
N GLU A 58 9.33 -17.70 8.17
CA GLU A 58 8.32 -16.84 7.56
C GLU A 58 8.00 -15.58 8.41
N TYR A 59 8.10 -15.70 9.73
CA TYR A 59 8.02 -14.56 10.63
C TYR A 59 9.05 -13.52 10.23
N TRP A 60 10.32 -13.93 10.14
CA TRP A 60 11.40 -12.99 9.80
C TRP A 60 11.30 -12.47 8.37
N GLU A 61 10.95 -13.34 7.42
CA GLU A 61 10.85 -12.91 6.04
C GLU A 61 9.76 -11.83 5.85
N ARG A 62 8.57 -12.09 6.39
CA ARG A 62 7.47 -11.18 6.26
C ARG A 62 7.63 -9.87 7.08
N GLU A 63 8.18 -9.95 8.29
CA GLU A 63 8.53 -8.73 8.99
C GLU A 63 9.58 -7.90 8.28
N THR A 64 10.55 -8.58 7.69
CA THR A 64 11.57 -7.90 6.89
C THR A 64 10.94 -7.16 5.69
N GLN A 65 10.07 -7.85 4.96
CA GLN A 65 9.34 -7.19 3.86
C GLN A 65 8.52 -5.97 4.37
N LYS A 66 7.89 -6.10 5.52
CA LYS A 66 7.20 -4.96 6.15
C LYS A 66 8.12 -3.76 6.40
N ALA A 67 9.30 -4.02 6.98
CA ALA A 67 10.29 -3.02 7.21
C ALA A 67 10.72 -2.35 5.92
N LYS A 68 10.87 -3.15 4.87
CA LYS A 68 11.23 -2.60 3.58
C LYS A 68 10.20 -1.61 3.08
N GLY A 69 8.91 -1.93 3.31
CA GLY A 69 7.84 -1.01 2.97
C GLY A 69 7.89 0.25 3.80
N GLN A 70 8.11 0.09 5.11
CA GLN A 70 8.18 1.21 6.04
C GLN A 70 9.32 2.11 5.62
N GLU A 71 10.43 1.52 5.23
CA GLU A 71 11.55 2.31 4.78
C GLU A 71 11.19 3.27 3.59
N GLN A 72 10.45 2.76 2.59
CA GLN A 72 10.00 3.60 1.50
C GLN A 72 9.02 4.65 1.94
N TRP A 73 8.12 4.26 2.85
CA TRP A 73 7.15 5.16 3.45
C TRP A 73 7.85 6.36 4.15
N PHE A 74 8.87 6.05 4.91
CA PHE A 74 9.62 7.11 5.56
C PHE A 74 10.41 7.97 4.57
N ARG A 75 10.99 7.37 3.52
CA ARG A 75 11.69 8.16 2.49
C ARG A 75 10.71 9.17 1.85
N VAL A 76 9.52 8.69 1.48
CA VAL A 76 8.52 9.57 0.87
C VAL A 76 8.10 10.64 1.89
N SER A 77 7.83 10.21 3.09
CA SER A 77 7.35 11.16 4.14
C SER A 77 8.38 12.25 4.41
N LEU A 78 9.66 11.87 4.47
CA LEU A 78 10.74 12.85 4.65
C LEU A 78 10.78 13.86 3.52
N ARG A 79 10.62 13.37 2.28
CA ARG A 79 10.60 14.28 1.13
C ARG A 79 9.44 15.29 1.24
N ASN A 80 8.26 14.79 1.62
CA ASN A 80 7.09 15.63 1.75
C ASN A 80 7.26 16.65 2.83
N LEU A 81 7.83 16.23 3.96
CA LEU A 81 8.08 17.17 5.04
C LEU A 81 9.06 18.27 4.69
N LEU A 82 10.15 17.91 4.01
CA LEU A 82 11.09 18.89 3.52
C LEU A 82 10.34 20.02 2.74
N GLY A 83 9.41 19.62 1.85
CA GLY A 83 8.56 20.58 1.13
C GLY A 83 7.60 21.40 2.01
N TYR A 84 6.96 20.77 2.99
CA TYR A 84 6.05 21.48 3.90
C TYR A 84 6.73 22.63 4.66
N TYR A 85 7.96 22.41 5.10
CA TYR A 85 8.70 23.36 5.88
C TYR A 85 9.62 24.26 5.05
N ASN A 86 9.66 24.05 3.72
CA ASN A 86 10.53 24.82 2.78
C ASN A 86 12.01 24.72 3.11
N GLN A 87 12.44 23.52 3.48
CA GLN A 87 13.82 23.30 3.89
C GLN A 87 14.68 23.10 2.66
N SER A 88 15.95 23.50 2.75
CA SER A 88 16.88 23.37 1.61
C SER A 88 17.35 21.95 1.55
N ALA A 89 17.85 21.52 0.39
CA ALA A 89 18.39 20.15 0.26
C ALA A 89 19.81 20.14 0.85
N GLY A 90 20.40 18.96 0.96
CA GLY A 90 21.80 18.82 1.42
C GLY A 90 21.94 19.05 2.92
N GLY A 91 20.87 18.77 3.66
CA GLY A 91 20.92 18.76 5.10
C GLY A 91 20.61 17.34 5.54
N SER A 92 20.43 17.18 6.83
CA SER A 92 20.00 15.95 7.40
C SER A 92 18.78 16.24 8.28
N HIS A 93 17.82 15.31 8.25
CA HIS A 93 16.52 15.47 8.90
C HIS A 93 16.12 14.16 9.47
N THR A 94 15.38 14.21 10.58
CA THR A 94 15.01 13.03 11.35
C THR A 94 13.51 12.93 11.50
N LEU A 95 12.96 11.81 11.05
CA LEU A 95 11.61 11.43 11.34
C LEU A 95 11.56 10.22 12.28
N GLN A 96 10.73 10.31 13.33
CA GLN A 96 10.60 9.21 14.28
C GLN A 96 9.15 8.84 14.49
N GLN A 97 8.93 7.57 14.88
CA GLN A 97 7.62 7.05 15.17
C GLN A 97 7.68 6.16 16.42
N MET A 98 6.65 6.24 17.24
CA MET A 98 6.45 5.28 18.29
C MET A 98 5.00 4.76 18.10
N SER A 99 4.84 3.44 18.21
CA SER A 99 3.53 2.76 18.05
C SER A 99 3.47 1.69 19.08
N GLY A 100 2.30 1.33 19.49
CA GLY A 100 2.15 0.13 20.33
C GLY A 100 0.96 0.20 21.26
N CYS A 101 0.97 -0.71 22.21
CA CYS A 101 -0.17 -0.93 23.07
C CYS A 101 0.26 -1.20 24.50
N ASP A 102 -0.58 -0.78 25.44
CA ASP A 102 -0.47 -1.15 26.83
C ASP A 102 -1.68 -2.04 27.12
N LEU A 103 -1.47 -3.13 27.82
CA LEU A 103 -2.50 -4.09 28.16
C LEU A 103 -2.53 -4.29 29.65
N GLY A 104 -3.73 -4.53 30.19
CA GLY A 104 -3.92 -5.07 31.55
C GLY A 104 -3.68 -6.58 31.64
N SER A 105 -3.67 -7.08 32.86
CA SER A 105 -3.51 -8.51 33.13
C SER A 105 -4.71 -9.35 32.64
N ASP A 106 -5.83 -8.68 32.30
CA ASP A 106 -6.98 -9.32 31.65
C ASP A 106 -6.94 -9.20 30.09
N TRP A 107 -5.77 -8.78 29.56
CA TRP A 107 -5.48 -8.63 28.12
C TRP A 107 -6.38 -7.58 27.46
N ARG A 108 -6.99 -6.71 28.22
CA ARG A 108 -7.77 -5.63 27.66
C ARG A 108 -6.80 -4.56 27.20
N LEU A 109 -6.97 -4.05 25.99
CA LEU A 109 -6.20 -2.90 25.53
C LEU A 109 -6.52 -1.71 26.42
N LEU A 110 -5.51 -1.16 27.08
CA LEU A 110 -5.68 0.02 27.95
C LEU A 110 -5.43 1.33 27.23
N ARG A 111 -4.46 1.33 26.32
CA ARG A 111 -4.20 2.44 25.46
C ARG A 111 -3.36 1.99 24.23
N GLY A 112 -3.70 2.57 23.07
CA GLY A 112 -3.00 2.39 21.80
C GLY A 112 -2.25 3.69 21.49
N TYR A 113 -1.05 3.58 20.93
CA TYR A 113 -0.23 4.76 20.64
C TYR A 113 0.22 4.72 19.19
N LEU A 114 0.19 5.89 18.56
CA LEU A 114 0.72 6.08 17.23
C LEU A 114 1.11 7.55 17.06
N GLN A 115 2.39 7.84 17.16
CA GLN A 115 2.83 9.21 17.17
C GLN A 115 4.16 9.39 16.42
N PHE A 116 4.32 10.60 15.92
CA PHE A 116 5.47 10.93 15.11
C PHE A 116 6.11 12.22 15.57
N ALA A 117 7.41 12.32 15.32
CA ALA A 117 8.18 13.52 15.57
C ALA A 117 9.06 13.83 14.35
N TYR A 118 9.29 15.11 14.12
CA TYR A 118 10.15 15.56 13.02
C TYR A 118 11.13 16.51 13.66
N GLU A 119 12.41 16.23 13.43
CA GLU A 119 13.49 17.01 14.01
C GLU A 119 13.37 17.10 15.55
N GLY A 120 12.91 16.00 16.15
CA GLY A 120 12.88 15.88 17.58
C GLY A 120 11.71 16.58 18.25
N ARG A 121 10.73 17.05 17.48
CA ARG A 121 9.59 17.79 17.97
C ARG A 121 8.36 16.99 17.59
N ASP A 122 7.39 16.93 18.50
CA ASP A 122 6.12 16.26 18.21
C ASP A 122 5.46 16.83 16.91
N TYR A 123 5.04 15.94 16.00
CA TYR A 123 4.49 16.36 14.69
C TYR A 123 2.98 16.06 14.61
N ILE A 124 2.62 14.78 14.70
CA ILE A 124 1.24 14.35 14.75
C ILE A 124 1.13 13.09 15.62
N ALA A 125 -0.03 12.95 16.25
CA ALA A 125 -0.33 11.81 17.09
C ALA A 125 -1.79 11.39 16.96
N LEU A 126 -2.02 10.08 17.02
CA LEU A 126 -3.35 9.54 17.07
C LEU A 126 -3.86 9.74 18.51
N ASN A 127 -5.05 10.31 18.67
CA ASN A 127 -5.57 10.50 20.02
C ASN A 127 -6.02 9.14 20.61
N GLU A 128 -6.33 9.16 21.89
CA GLU A 128 -6.64 7.96 22.63
C GLU A 128 -7.94 7.32 22.08
N ASP A 129 -8.82 8.08 21.47
CA ASP A 129 -9.99 7.49 20.79
C ASP A 129 -9.63 6.57 19.60
N LEU A 130 -8.41 6.66 19.10
CA LEU A 130 -7.96 5.90 17.97
C LEU A 130 -8.76 6.26 16.72
N LYS A 131 -9.29 7.47 16.71
CA LYS A 131 -10.13 7.98 15.60
C LYS A 131 -9.72 9.35 15.08
N THR A 132 -9.23 10.21 15.95
CA THR A 132 -8.90 11.59 15.57
C THR A 132 -7.43 11.86 15.82
N TRP A 133 -6.93 12.87 15.12
CA TRP A 133 -5.51 13.25 15.18
C TRP A 133 -5.24 14.57 15.91
N THR A 134 -4.14 14.62 16.66
CA THR A 134 -3.61 15.88 17.16
C THR A 134 -2.36 16.28 16.35
N ALA A 135 -2.43 17.43 15.71
CA ALA A 135 -1.38 17.91 14.87
C ALA A 135 -0.76 19.10 15.55
N ALA A 136 0.57 19.13 15.63
CA ALA A 136 1.29 20.10 16.47
C ALA A 136 1.57 21.46 15.81
N ASP A 137 1.68 21.53 14.48
CA ASP A 137 2.08 22.77 13.82
C ASP A 137 1.43 22.85 12.45
N MET A 138 1.78 23.86 11.65
CA MET A 138 1.09 24.13 10.39
C MET A 138 1.25 22.98 9.41
N ALA A 139 2.46 22.48 9.29
CA ALA A 139 2.77 21.38 8.39
C ALA A 139 1.95 20.13 8.70
N ALA A 140 1.93 19.76 9.98
CA ALA A 140 1.15 18.63 10.44
C ALA A 140 -0.37 18.73 10.17
N GLN A 141 -0.87 19.95 10.03
CA GLN A 141 -2.26 20.15 9.57
C GLN A 141 -2.48 19.59 8.19
N ILE A 142 -1.47 19.67 7.32
CA ILE A 142 -1.54 19.12 5.96
C ILE A 142 -1.63 17.60 6.03
N THR A 143 -0.71 17.00 6.79
CA THR A 143 -0.76 15.57 7.06
C THR A 143 -2.11 15.13 7.68
N ARG A 144 -2.57 15.85 8.71
CA ARG A 144 -3.84 15.49 9.36
C ARG A 144 -5.00 15.43 8.31
N ARG A 145 -5.10 16.47 7.48
CA ARG A 145 -6.17 16.53 6.45
C ARG A 145 -6.06 15.39 5.47
N LYS A 146 -4.85 15.12 5.02
CA LYS A 146 -4.58 13.99 4.17
C LYS A 146 -5.02 12.65 4.81
N TRP A 147 -4.69 12.46 6.07
CA TRP A 147 -5.05 11.24 6.77
C TRP A 147 -6.53 11.08 7.10
N GLU A 148 -7.18 12.19 7.42
CA GLU A 148 -8.65 12.19 7.62
C GLU A 148 -9.34 11.85 6.30
N GLN A 149 -8.92 12.47 5.21
CA GLN A 149 -9.50 12.24 3.88
C GLN A 149 -9.34 10.76 3.43
N SER A 150 -8.23 10.10 3.79
CA SER A 150 -8.03 8.71 3.36
C SER A 150 -8.47 7.69 4.38
N GLY A 151 -8.98 8.14 5.52
CA GLY A 151 -9.43 7.25 6.55
C GLY A 151 -8.30 6.45 7.16
N ALA A 152 -7.12 7.05 7.25
CA ALA A 152 -5.96 6.39 7.83
C ALA A 152 -6.13 5.87 9.24
N ALA A 153 -6.82 6.62 10.12
CA ALA A 153 -6.97 6.20 11.52
C ALA A 153 -7.59 4.79 11.69
N GLU A 154 -8.52 4.38 10.83
CA GLU A 154 -9.12 3.06 11.03
C GLU A 154 -8.15 1.90 10.82
N HIS A 155 -7.15 2.10 9.95
CA HIS A 155 -6.12 1.08 9.78
C HIS A 155 -5.25 0.99 11.02
N TYR A 156 -4.90 2.14 11.60
CA TYR A 156 -4.07 2.10 12.83
C TYR A 156 -4.86 1.54 14.03
N LYS A 157 -6.14 1.90 14.12
CA LYS A 157 -6.99 1.37 15.18
C LYS A 157 -7.07 -0.17 15.09
N ALA A 158 -7.33 -0.69 13.87
CA ALA A 158 -7.36 -2.16 13.66
C ALA A 158 -6.07 -2.85 14.14
N TYR A 159 -4.89 -2.32 13.74
CA TYR A 159 -3.61 -2.81 14.25
C TYR A 159 -3.48 -2.79 15.81
N LEU A 160 -3.79 -1.64 16.38
CA LEU A 160 -3.59 -1.43 17.81
C LEU A 160 -4.52 -2.27 18.70
N GLU A 161 -5.75 -2.48 18.23
CA GLU A 161 -6.76 -3.27 18.96
C GLU A 161 -6.70 -4.75 18.62
N GLY A 162 -6.07 -5.08 17.49
CA GLY A 162 -6.03 -6.43 17.01
C GLY A 162 -4.62 -7.00 17.09
N GLU A 163 -3.88 -6.86 16.02
CA GLU A 163 -2.57 -7.47 15.96
C GLU A 163 -1.62 -7.11 17.13
N CYS A 164 -1.60 -5.86 17.55
CA CYS A 164 -0.69 -5.42 18.59
C CYS A 164 -0.91 -6.24 19.86
N VAL A 165 -2.16 -6.33 20.25
CA VAL A 165 -2.60 -7.04 21.43
C VAL A 165 -2.30 -8.53 21.35
N GLU A 166 -2.69 -9.14 20.24
CA GLU A 166 -2.53 -10.57 20.06
C GLU A 166 -1.07 -11.03 19.97
N TRP A 167 -0.25 -10.27 19.26
CA TRP A 167 1.15 -10.61 19.18
C TRP A 167 1.85 -10.40 20.54
N LEU A 168 1.48 -9.31 21.25
CA LEU A 168 2.05 -9.07 22.58
C LEU A 168 1.81 -10.30 23.47
N HIS A 169 0.57 -10.80 23.41
CA HIS A 169 0.18 -12.00 24.18
C HIS A 169 1.06 -13.18 23.80
N ARG A 170 1.20 -13.47 22.51
CA ARG A 170 2.13 -14.52 22.06
C ARG A 170 3.57 -14.35 22.60
N TYR A 171 4.11 -13.13 22.48
CA TYR A 171 5.48 -12.87 22.92
C TYR A 171 5.65 -13.09 24.45
N LEU A 172 4.69 -12.61 25.24
CA LEU A 172 4.75 -12.74 26.70
C LEU A 172 4.68 -14.21 27.10
N LYS A 173 3.85 -14.97 26.39
CA LYS A 173 3.79 -16.42 26.59
C LYS A 173 5.15 -17.07 26.30
N ASN A 174 5.73 -16.79 25.15
CA ASN A 174 7.04 -17.30 24.79
C ASN A 174 8.18 -16.81 25.68
N GLY A 175 8.11 -15.58 26.19
CA GLY A 175 9.26 -14.98 26.89
C GLY A 175 9.16 -14.88 28.40
N ASN A 176 8.33 -15.74 28.97
CA ASN A 176 7.82 -15.54 30.33
C ASN A 176 8.91 -15.64 31.39
N ALA A 177 9.60 -16.78 31.40
CA ALA A 177 10.78 -17.04 32.24
C ALA A 177 11.79 -15.90 32.19
N THR A 178 12.21 -15.58 30.97
CA THR A 178 13.25 -14.57 30.71
C THR A 178 12.87 -13.14 31.15
N LEU A 179 11.65 -12.71 30.81
CA LEU A 179 11.13 -11.37 31.16
C LEU A 179 11.00 -11.15 32.70
N LEU A 180 10.77 -12.22 33.46
CA LEU A 180 10.71 -12.12 34.94
C LEU A 180 12.07 -12.17 35.65
N ARG A 181 13.18 -12.38 34.94
CA ARG A 181 14.49 -12.50 35.61
C ARG A 181 14.85 -11.17 36.30
N THR A 182 15.55 -11.29 37.44
CA THR A 182 16.06 -10.15 38.16
C THR A 182 17.46 -10.48 38.66
N ASP A 183 18.27 -9.43 38.81
CA ASP A 183 19.58 -9.48 39.46
C ASP A 183 19.51 -8.40 40.52
N SER A 184 19.81 -8.78 41.75
CA SER A 184 19.71 -7.86 42.86
C SER A 184 20.92 -6.92 42.92
N PRO A 185 20.72 -5.67 43.39
CA PRO A 185 21.87 -4.80 43.60
C PRO A 185 22.77 -5.28 44.72
N LYS A 186 24.08 -5.13 44.55
CA LYS A 186 25.04 -5.14 45.66
C LYS A 186 25.34 -3.66 46.01
N ALA A 187 25.30 -3.32 47.28
CA ALA A 187 25.44 -1.94 47.71
C ALA A 187 26.53 -1.76 48.70
N HIS A 188 27.09 -0.56 48.69
CA HIS A 188 28.10 -0.19 49.66
C HIS A 188 28.21 1.32 49.68
N VAL A 189 28.74 1.85 50.79
CA VAL A 189 28.88 3.28 50.98
C VAL A 189 30.36 3.65 51.00
N THR A 190 30.69 4.73 50.29
CA THR A 190 32.02 5.31 50.29
C THR A 190 31.94 6.73 50.87
N HIS A 191 33.10 7.18 51.28
CA HIS A 191 33.26 8.33 52.15
C HIS A 191 34.32 9.18 51.43
N HIS A 192 34.02 10.45 51.18
CA HIS A 192 34.90 11.31 50.38
C HIS A 192 34.99 12.62 51.07
N PRO A 193 36.14 12.87 51.74
CA PRO A 193 36.38 14.24 52.10
C PRO A 193 36.43 15.15 50.83
N ARG A 194 35.29 15.79 50.55
CA ARG A 194 35.20 17.19 50.13
C ARG A 194 35.24 17.84 51.50
N SER A 195 35.48 19.14 51.68
CA SER A 195 35.55 19.64 53.08
C SER A 195 35.13 21.09 53.38
N LYS A 196 35.84 21.76 54.30
CA LYS A 196 35.26 22.72 55.27
C LYS A 196 34.61 21.90 56.44
N GLY A 197 35.31 20.85 56.89
CA GLY A 197 34.76 19.89 57.85
C GLY A 197 33.54 19.07 57.40
N GLU A 198 33.39 18.88 56.09
CA GLU A 198 32.25 18.12 55.52
C GLU A 198 32.74 16.90 54.74
N VAL A 199 31.87 15.91 54.60
CA VAL A 199 32.20 14.75 53.81
C VAL A 199 31.00 14.43 52.91
N THR A 200 31.28 13.91 51.74
CA THR A 200 30.27 13.32 50.89
C THR A 200 30.20 11.84 51.26
N LEU A 201 29.00 11.36 51.55
CA LEU A 201 28.76 9.93 51.63
C LEU A 201 28.05 9.58 50.33
N ARG A 202 28.52 8.54 49.64
CA ARG A 202 27.96 8.09 48.36
C ARG A 202 27.52 6.64 48.50
N CYS A 203 26.25 6.39 48.24
CA CYS A 203 25.71 5.06 48.37
C CYS A 203 25.61 4.49 46.98
N TRP A 204 26.31 3.38 46.74
CA TRP A 204 26.43 2.77 45.40
C TRP A 204 25.51 1.58 45.31
N ALA A 205 24.82 1.41 44.19
CA ALA A 205 24.20 0.13 43.91
C ALA A 205 24.67 -0.34 42.56
N LEU A 206 25.07 -1.62 42.53
CA LEU A 206 25.73 -2.20 41.38
C LEU A 206 25.16 -3.57 40.97
N GLY A 207 25.20 -3.82 39.66
CA GLY A 207 24.96 -5.14 39.12
C GLY A 207 23.50 -5.56 39.13
N PHE A 208 22.58 -4.61 39.14
CA PHE A 208 21.15 -4.91 39.27
C PHE A 208 20.37 -4.92 37.95
N TYR A 209 19.28 -5.68 37.92
CA TYR A 209 18.41 -5.80 36.73
C TYR A 209 16.99 -6.13 37.20
N PRO A 210 15.94 -5.45 36.74
CA PRO A 210 15.97 -4.35 35.76
C PRO A 210 16.41 -3.02 36.36
N ALA A 211 16.43 -1.99 35.55
CA ALA A 211 17.04 -0.71 35.91
C ALA A 211 16.29 0.02 37.03
N ASP A 212 14.98 -0.25 37.15
CA ASP A 212 14.15 0.42 38.18
C ASP A 212 14.77 0.20 39.54
N ILE A 213 15.02 1.29 40.27
CA ILE A 213 15.58 1.22 41.62
C ILE A 213 15.33 2.54 42.35
N THR A 214 15.36 2.51 43.66
CA THR A 214 15.25 3.72 44.50
C THR A 214 16.31 3.66 45.59
N LEU A 215 17.09 4.74 45.69
CA LEU A 215 18.07 4.91 46.74
C LEU A 215 17.67 6.09 47.58
N THR A 216 17.77 5.96 48.90
CA THR A 216 17.39 7.06 49.79
C THR A 216 18.44 7.15 50.86
N TRP A 217 18.62 8.36 51.37
CA TRP A 217 19.46 8.56 52.56
C TRP A 217 18.55 9.03 53.65
N GLN A 218 18.91 8.64 54.87
CA GLN A 218 18.24 9.19 56.02
C GLN A 218 19.15 9.51 57.19
N LEU A 219 18.61 10.35 58.04
CA LEU A 219 19.25 10.80 59.28
C LEU A 219 18.19 10.69 60.34
N ASN A 220 18.49 9.99 61.42
CA ASN A 220 17.58 9.94 62.56
C ASN A 220 16.14 9.59 62.16
N GLY A 221 15.99 8.69 61.19
CA GLY A 221 14.68 8.17 60.76
C GLY A 221 13.84 9.00 59.80
N GLU A 222 14.36 10.13 59.31
CA GLU A 222 13.69 10.88 58.26
C GLU A 222 14.52 10.77 56.98
N GLU A 223 13.85 10.57 55.86
CA GLU A 223 14.54 10.58 54.56
C GLU A 223 15.04 11.99 54.22
N LEU A 224 16.21 12.07 53.63
CA LEU A 224 16.75 13.36 53.23
C LEU A 224 16.32 13.58 51.79
N THR A 225 15.39 14.50 51.61
CA THR A 225 14.67 14.64 50.36
C THR A 225 15.38 15.66 49.48
N GLN A 226 15.53 16.89 49.97
CA GLN A 226 16.16 17.97 49.19
C GLN A 226 17.69 17.80 49.06
N ASP A 227 18.37 17.41 50.13
CA ASP A 227 19.85 17.52 50.17
C ASP A 227 20.64 16.55 49.26
N MET A 228 19.97 15.57 48.70
CA MET A 228 20.60 14.40 48.10
C MET A 228 20.93 14.62 46.59
N GLU A 229 22.20 14.45 46.16
CA GLU A 229 22.55 14.34 44.69
C GLU A 229 22.45 12.90 44.15
N LEU A 230 22.06 12.77 42.90
CA LEU A 230 21.76 11.48 42.29
C LEU A 230 22.56 11.43 40.98
N VAL A 231 22.79 10.24 40.43
CA VAL A 231 23.12 10.14 39.02
C VAL A 231 22.05 9.34 38.34
N GLU A 232 21.87 9.60 37.06
CA GLU A 232 21.01 8.79 36.24
C GLU A 232 21.50 7.34 36.24
N THR A 233 20.58 6.42 36.34
CA THR A 233 20.86 4.99 36.27
C THR A 233 21.54 4.68 34.93
N ARG A 234 22.61 3.87 34.98
CA ARG A 234 23.52 3.74 33.82
C ARG A 234 23.82 2.27 33.59
N PRO A 235 23.93 1.85 32.32
CA PRO A 235 24.30 0.48 32.05
C PRO A 235 25.78 0.14 32.35
N ALA A 236 26.02 -0.93 33.10
CA ALA A 236 27.38 -1.46 33.28
C ALA A 236 27.97 -2.01 31.98
N GLY A 237 27.07 -2.39 31.06
CA GLY A 237 27.44 -2.90 29.74
C GLY A 237 27.35 -4.41 29.59
N ASP A 238 27.08 -5.13 30.68
CA ASP A 238 26.91 -6.58 30.67
C ASP A 238 25.42 -6.97 30.85
N GLY A 239 24.50 -6.03 30.67
CA GLY A 239 23.09 -6.27 30.93
C GLY A 239 22.59 -5.77 32.29
N THR A 240 23.50 -5.48 33.23
CA THR A 240 23.10 -4.94 34.53
C THR A 240 23.27 -3.42 34.56
N PHE A 241 22.77 -2.81 35.63
CA PHE A 241 22.79 -1.36 35.83
C PHE A 241 23.47 -0.94 37.15
N GLN A 242 23.74 0.36 37.23
CA GLN A 242 24.42 1.01 38.30
C GLN A 242 23.75 2.33 38.65
N LYS A 243 23.85 2.75 39.90
CA LYS A 243 23.37 4.06 40.31
C LYS A 243 24.03 4.43 41.65
N TRP A 244 24.11 5.72 41.94
CA TRP A 244 24.47 6.15 43.28
C TRP A 244 23.72 7.39 43.66
N ALA A 245 23.66 7.60 44.97
CA ALA A 245 23.09 8.77 45.59
C ALA A 245 24.01 9.21 46.71
N SER A 246 24.20 10.51 46.87
CA SER A 246 25.12 11.01 47.87
C SER A 246 24.48 12.15 48.65
N VAL A 247 24.97 12.32 49.87
CA VAL A 247 24.58 13.45 50.70
C VAL A 247 25.85 14.10 51.22
N VAL A 248 25.79 15.41 51.49
CA VAL A 248 26.87 16.10 52.20
C VAL A 248 26.55 16.18 53.68
N VAL A 249 27.48 15.77 54.55
CA VAL A 249 27.24 15.70 56.00
C VAL A 249 28.40 16.24 56.78
N PRO A 250 28.18 16.58 58.08
CA PRO A 250 29.31 17.07 58.85
C PRO A 250 30.31 15.97 59.22
N LEU A 251 31.59 16.28 59.15
CA LEU A 251 32.65 15.36 59.60
C LEU A 251 32.44 15.07 61.09
N GLY A 252 32.48 13.79 61.46
CA GLY A 252 32.19 13.33 62.83
C GLY A 252 30.80 12.76 63.04
N LYS A 253 29.89 13.00 62.08
CA LYS A 253 28.51 12.59 62.18
C LYS A 253 28.12 11.53 61.15
N GLU A 254 29.09 11.08 60.35
CA GLU A 254 28.87 10.13 59.22
C GLU A 254 28.08 8.89 59.61
N GLN A 255 28.37 8.38 60.79
CA GLN A 255 27.70 7.19 61.31
C GLN A 255 26.21 7.39 61.57
N ASN A 256 25.75 8.63 61.70
CA ASN A 256 24.32 8.90 61.87
C ASN A 256 23.46 8.63 60.61
N TYR A 257 24.09 8.46 59.44
CA TYR A 257 23.37 8.45 58.20
C TYR A 257 23.26 7.05 57.66
N THR A 258 22.10 6.70 57.11
CA THR A 258 21.90 5.37 56.53
C THR A 258 21.29 5.55 55.15
N CYS A 259 21.73 4.66 54.26
CA CYS A 259 21.29 4.60 52.88
C CYS A 259 20.34 3.42 52.80
N ARG A 260 19.23 3.53 52.08
CA ARG A 260 18.36 2.38 51.83
C ARG A 260 18.27 2.13 50.34
N VAL A 261 18.22 0.86 49.94
CA VAL A 261 18.12 0.48 48.53
C VAL A 261 16.87 -0.38 48.31
N TYR A 262 16.01 0.09 47.41
CA TYR A 262 14.78 -0.58 47.06
C TYR A 262 14.88 -1.10 45.63
N HIS A 263 14.72 -2.42 45.51
CA HIS A 263 14.78 -3.03 44.18
C HIS A 263 13.93 -4.30 44.15
N GLU A 264 13.23 -4.54 43.03
CA GLU A 264 12.34 -5.72 42.83
C GLU A 264 12.96 -7.07 43.15
N GLY A 265 14.19 -7.24 42.69
CA GLY A 265 15.01 -8.40 43.00
C GLY A 265 15.25 -8.73 44.46
N LEU A 266 15.21 -7.75 45.35
CA LEU A 266 15.60 -8.01 46.74
C LEU A 266 14.52 -8.74 47.51
N PRO A 267 14.90 -9.58 48.50
CA PRO A 267 13.89 -10.18 49.41
C PRO A 267 13.30 -9.11 50.38
N GLU A 268 14.08 -8.07 50.65
CA GLU A 268 13.62 -6.86 51.30
C GLU A 268 14.60 -5.70 51.00
N PRO A 269 14.22 -4.45 51.32
CA PRO A 269 15.15 -3.36 50.98
C PRO A 269 16.45 -3.50 51.78
N LEU A 270 17.55 -3.07 51.19
CA LEU A 270 18.82 -3.04 51.91
C LEU A 270 18.92 -1.78 52.74
N THR A 271 19.62 -1.91 53.83
CA THR A 271 19.89 -0.78 54.69
C THR A 271 21.39 -0.87 55.01
N LEU A 272 22.09 0.24 54.81
CA LEU A 272 23.51 0.29 55.02
C LEU A 272 24.04 1.68 55.35
N ARG A 273 25.29 1.70 55.77
CA ARG A 273 25.91 2.82 56.44
C ARG A 273 27.38 2.80 56.05
N TRP A 274 28.04 3.94 56.16
CA TRP A 274 29.53 3.92 56.09
C TRP A 274 30.10 3.00 57.23
N GLU A 275 30.89 2.00 56.81
CA GLU A 275 31.55 1.01 57.65
C GLU A 275 33.05 1.33 57.54
N PRO A 276 33.58 2.10 58.51
CA PRO A 276 34.97 2.55 58.40
C PRO A 276 36.01 1.41 58.49
N MET B 19 10.77 21.53 11.18
CA MET B 19 10.54 21.54 12.65
C MET B 19 11.91 21.80 13.30
N GLY B 20 12.06 21.56 14.61
CA GLY B 20 13.39 21.66 15.23
C GLY B 20 13.47 21.98 16.72
N ILE B 21 13.72 20.96 17.54
CA ILE B 21 14.12 21.13 18.95
C ILE B 21 15.33 20.25 19.20
N GLN B 22 16.48 20.88 19.45
CA GLN B 22 17.72 20.15 19.78
C GLN B 22 17.85 19.88 21.29
N LYS B 23 18.49 18.75 21.59
CA LYS B 23 18.78 18.34 22.96
C LYS B 23 20.31 18.11 23.09
N THR B 24 20.89 18.68 24.15
CA THR B 24 22.32 18.62 24.46
C THR B 24 22.72 17.33 25.18
N PRO B 25 23.78 16.66 24.70
CA PRO B 25 24.04 15.37 25.32
C PRO B 25 24.47 15.43 26.80
N GLN B 26 24.00 14.48 27.58
CA GLN B 26 24.41 14.27 28.96
C GLN B 26 25.37 13.14 28.89
N ILE B 27 26.46 13.25 29.64
CA ILE B 27 27.52 12.28 29.56
C ILE B 27 27.88 11.75 30.93
N GLN B 28 28.07 10.43 31.03
CA GLN B 28 28.71 9.87 32.23
C GLN B 28 29.84 9.00 31.81
N VAL B 29 30.96 9.08 32.54
CA VAL B 29 32.11 8.21 32.28
C VAL B 29 32.39 7.39 33.52
N TYR B 30 32.46 6.06 33.42
CA TYR B 30 32.56 5.23 34.64
C TYR B 30 32.96 3.84 34.23
N SER B 31 33.39 3.04 35.20
CA SER B 31 33.92 1.68 34.97
C SER B 31 32.83 0.65 35.15
N ARG B 32 32.92 -0.47 34.45
CA ARG B 32 31.94 -1.53 34.62
C ARG B 32 32.01 -2.10 36.03
N HIS B 33 33.22 -2.43 36.48
CA HIS B 33 33.46 -3.01 37.81
C HIS B 33 34.17 -1.99 38.69
N PRO B 34 34.05 -2.14 40.03
CA PRO B 34 34.84 -1.31 40.97
C PRO B 34 36.29 -1.20 40.51
N PRO B 35 36.81 0.02 40.37
CA PRO B 35 38.17 0.11 39.83
C PRO B 35 39.20 -0.24 40.88
N GLU B 36 40.24 -0.97 40.47
CA GLU B 36 41.44 -1.14 41.26
C GLU B 36 42.64 -1.13 40.34
N ASN B 37 43.63 -0.36 40.75
CA ASN B 37 44.79 -0.07 39.92
C ASN B 37 45.52 -1.31 39.52
N GLY B 38 45.94 -1.35 38.26
CA GLY B 38 46.61 -2.50 37.69
C GLY B 38 45.72 -3.68 37.37
N LYS B 39 44.40 -3.54 37.49
CA LYS B 39 43.48 -4.65 37.20
C LYS B 39 42.61 -4.38 35.95
N PRO B 40 42.57 -5.32 34.95
CA PRO B 40 41.75 -5.14 33.74
C PRO B 40 40.28 -4.86 34.03
N ASN B 41 39.66 -3.98 33.25
CA ASN B 41 38.29 -3.47 33.49
C ASN B 41 37.76 -2.84 32.18
N ILE B 42 36.52 -2.37 32.19
CA ILE B 42 35.90 -1.80 31.01
C ILE B 42 35.53 -0.38 31.39
N LEU B 43 35.92 0.58 30.55
CA LEU B 43 35.52 1.97 30.72
C LEU B 43 34.32 2.29 29.82
N ASN B 44 33.26 2.83 30.40
CA ASN B 44 32.03 3.22 29.71
C ASN B 44 31.90 4.69 29.57
N CYS B 45 31.39 5.09 28.42
CA CYS B 45 30.97 6.47 28.18
C CYS B 45 29.52 6.43 27.68
N TYR B 46 28.61 6.82 28.56
CA TYR B 46 27.16 6.73 28.38
C TYR B 46 26.65 8.12 28.03
N VAL B 47 26.10 8.27 26.83
CA VAL B 47 25.73 9.56 26.28
C VAL B 47 24.22 9.48 26.01
N THR B 48 23.45 10.43 26.58
CA THR B 48 22.00 10.39 26.54
C THR B 48 21.43 11.77 26.21
N GLN B 49 20.14 11.79 25.91
CA GLN B 49 19.34 13.01 25.81
C GLN B 49 19.79 13.90 24.70
N PHE B 50 20.21 13.32 23.58
CA PHE B 50 20.65 14.12 22.44
C PHE B 50 19.76 13.99 21.20
N HIS B 51 19.72 15.07 20.46
CA HIS B 51 18.96 15.11 19.24
C HIS B 51 19.52 16.30 18.44
N PRO B 52 19.93 16.12 17.17
CA PRO B 52 19.71 14.91 16.34
C PRO B 52 20.61 13.71 16.67
N PRO B 53 20.40 12.56 16.01
CA PRO B 53 21.16 11.36 16.36
C PRO B 53 22.65 11.30 15.95
N HIS B 54 23.03 12.08 14.94
CA HIS B 54 24.44 12.14 14.53
C HIS B 54 25.27 12.66 15.69
N ILE B 55 26.27 11.90 16.08
CA ILE B 55 27.15 12.31 17.14
C ILE B 55 28.52 11.66 16.93
N GLU B 56 29.54 12.30 17.46
CA GLU B 56 30.86 11.75 17.42
C GLU B 56 31.39 11.60 18.84
N ILE B 57 31.89 10.42 19.18
CA ILE B 57 32.34 10.08 20.53
C ILE B 57 33.71 9.39 20.48
N GLN B 58 34.68 9.93 21.22
CA GLN B 58 36.02 9.34 21.33
C GLN B 58 36.30 9.10 22.79
N MET B 59 37.07 8.05 23.08
CA MET B 59 37.58 7.85 24.42
C MET B 59 39.09 8.06 24.38
N LEU B 60 39.61 8.67 25.43
CA LEU B 60 40.98 9.15 25.51
C LEU B 60 41.67 8.55 26.71
N LYS B 61 42.95 8.20 26.53
CA LYS B 61 43.87 7.84 27.60
C LYS B 61 44.98 8.89 27.59
N ASN B 62 45.16 9.60 28.70
CA ASN B 62 46.08 10.75 28.76
C ASN B 62 46.06 11.64 27.52
N GLY B 63 44.86 12.02 27.08
CA GLY B 63 44.70 12.92 25.92
C GLY B 63 44.84 12.29 24.52
N LYS B 64 45.23 10.99 24.45
CA LYS B 64 45.28 10.17 23.21
C LYS B 64 44.05 9.28 22.90
N LYS B 65 43.56 9.36 21.66
CA LYS B 65 42.42 8.56 21.18
C LYS B 65 42.69 7.05 21.36
N ILE B 66 41.83 6.38 22.10
CA ILE B 66 41.89 4.92 22.23
C ILE B 66 41.32 4.35 20.92
N PRO B 67 42.03 3.39 20.28
CA PRO B 67 41.58 2.86 18.97
C PRO B 67 40.45 1.81 19.03
N LYS B 68 40.40 1.02 20.08
CA LYS B 68 39.52 -0.15 20.06
C LYS B 68 37.99 0.11 20.27
N VAL B 69 37.52 1.37 20.31
CA VAL B 69 36.27 1.71 21.00
C VAL B 69 35.01 1.11 20.38
N GLU B 70 34.25 0.37 21.16
CA GLU B 70 33.00 -0.21 20.67
C GLU B 70 31.80 0.67 21.00
N MET B 71 30.83 0.72 20.08
CA MET B 71 29.60 1.46 20.28
C MET B 71 28.44 0.47 20.32
N SER B 72 27.54 0.66 21.28
CA SER B 72 26.24 0.02 21.21
C SER B 72 25.42 0.50 20.01
N ASP B 73 24.36 -0.24 19.71
CA ASP B 73 23.38 0.21 18.76
C ASP B 73 22.71 1.44 19.34
N MET B 74 22.22 2.33 18.48
CA MET B 74 21.56 3.52 19.00
C MET B 74 20.08 3.26 19.17
N SER B 75 19.54 3.90 20.20
CA SER B 75 18.17 3.72 20.61
C SER B 75 17.67 5.09 20.97
N PHE B 76 16.35 5.24 21.10
CA PHE B 76 15.80 6.47 21.58
C PHE B 76 14.75 6.25 22.65
N SER B 77 14.54 7.32 23.42
CA SER B 77 13.63 7.33 24.53
C SER B 77 12.30 7.91 24.19
N LYS B 78 11.39 7.78 25.15
CA LYS B 78 10.04 8.26 24.98
C LYS B 78 9.87 9.76 24.72
N ASP B 79 10.84 10.55 25.12
CA ASP B 79 10.92 11.99 24.75
C ASP B 79 11.60 12.27 23.42
N TRP B 80 11.84 11.22 22.64
CA TRP B 80 12.45 11.25 21.31
C TRP B 80 13.95 11.36 21.28
N SER B 81 14.57 11.58 22.43
CA SER B 81 16.01 11.79 22.48
C SER B 81 16.77 10.45 22.43
N PHE B 82 17.94 10.49 21.83
CA PHE B 82 18.75 9.29 21.58
C PHE B 82 19.74 9.04 22.71
N TYR B 83 20.17 7.80 22.80
CA TYR B 83 21.19 7.42 23.73
C TYR B 83 22.05 6.29 23.15
N ILE B 84 23.27 6.20 23.63
CA ILE B 84 24.25 5.24 23.13
C ILE B 84 25.33 5.01 24.21
N LEU B 85 25.90 3.83 24.21
CA LEU B 85 26.98 3.49 25.13
C LEU B 85 28.23 3.18 24.31
N ALA B 86 29.30 3.92 24.59
CA ALA B 86 30.60 3.60 24.03
C ALA B 86 31.46 2.95 25.12
N HIS B 87 32.28 2.00 24.74
CA HIS B 87 33.11 1.34 25.76
C HIS B 87 34.38 0.76 25.22
N THR B 88 35.35 0.61 26.11
CA THR B 88 36.62 0.00 25.73
C THR B 88 37.29 -0.62 26.95
N GLU B 89 38.16 -1.59 26.69
CA GLU B 89 39.07 -2.10 27.74
C GLU B 89 39.99 -1.03 28.32
N PHE B 90 40.24 -1.11 29.62
CA PHE B 90 41.21 -0.25 30.24
C PHE B 90 41.67 -0.86 31.57
N THR B 91 42.88 -0.46 31.95
CA THR B 91 43.51 -0.91 33.16
C THR B 91 43.85 0.38 33.84
N PRO B 92 43.04 0.79 34.83
CA PRO B 92 43.40 2.02 35.50
C PRO B 92 44.75 1.88 36.24
N THR B 93 45.49 2.98 36.29
CA THR B 93 46.66 3.08 37.13
C THR B 93 46.41 4.31 37.98
N GLU B 94 47.40 4.64 38.79
CA GLU B 94 47.30 5.73 39.74
C GLU B 94 47.41 7.08 39.02
N THR B 95 48.18 7.08 37.92
CA THR B 95 48.59 8.33 37.29
C THR B 95 47.74 8.70 36.09
N ASP B 96 47.39 7.69 35.26
CA ASP B 96 46.71 7.87 33.98
C ASP B 96 45.32 8.51 34.06
N THR B 97 45.04 9.44 33.13
CA THR B 97 43.69 10.03 33.01
C THR B 97 42.94 9.33 31.87
N TYR B 98 41.62 9.28 32.01
CA TYR B 98 40.73 8.76 30.98
C TYR B 98 39.61 9.75 30.81
N ALA B 99 39.08 9.81 29.60
CA ALA B 99 38.09 10.80 29.27
C ALA B 99 37.27 10.38 28.06
N CYS B 100 36.10 10.99 27.96
CA CYS B 100 35.21 10.80 26.83
C CYS B 100 35.04 12.16 26.24
N ARG B 101 35.15 12.26 24.93
CA ARG B 101 35.02 13.52 24.24
C ARG B 101 33.90 13.40 23.20
N VAL B 102 32.97 14.34 23.20
CA VAL B 102 31.74 14.25 22.41
C VAL B 102 31.53 15.53 21.64
N LYS B 103 31.27 15.37 20.35
CA LYS B 103 30.89 16.49 19.49
C LYS B 103 29.48 16.22 18.98
N HIS B 104 28.66 17.26 19.06
CA HIS B 104 27.26 17.21 18.65
C HIS B 104 26.83 18.63 18.28
N ASP B 105 25.88 18.75 17.35
CA ASP B 105 25.48 20.07 16.82
C ASP B 105 24.77 20.98 17.83
N SER B 106 24.22 20.40 18.90
CA SER B 106 23.68 21.18 20.00
C SER B 106 24.71 22.05 20.72
N MET B 107 26.01 21.76 20.54
CA MET B 107 27.07 22.46 21.24
C MET B 107 28.03 23.15 20.28
N ALA B 108 28.31 24.42 20.58
CA ALA B 108 29.37 25.17 19.91
C ALA B 108 30.69 24.36 19.87
N GLU B 109 31.08 23.76 20.98
CA GLU B 109 32.39 23.14 21.12
C GLU B 109 32.26 21.73 21.61
N PRO B 110 33.27 20.88 21.35
CA PRO B 110 33.22 19.55 21.95
C PRO B 110 33.19 19.59 23.46
N LYS B 111 32.59 18.58 24.07
CA LYS B 111 32.59 18.46 25.54
C LYS B 111 33.46 17.27 25.93
N THR B 112 34.42 17.50 26.81
CA THR B 112 35.26 16.44 27.35
C THR B 112 34.92 16.21 28.82
N VAL B 113 34.62 14.97 29.20
CA VAL B 113 34.34 14.60 30.60
C VAL B 113 35.37 13.55 31.02
N TYR B 114 36.10 13.86 32.08
CA TYR B 114 37.13 13.00 32.66
C TYR B 114 36.51 11.92 33.51
N TRP B 115 37.09 10.74 33.49
CA TRP B 115 36.74 9.69 34.40
C TRP B 115 37.18 10.07 35.79
N ASP B 116 36.29 9.90 36.76
CA ASP B 116 36.62 10.10 38.15
C ASP B 116 36.20 8.83 38.85
N ARG B 117 37.15 8.09 39.42
CA ARG B 117 36.81 6.78 39.98
C ARG B 117 35.84 6.79 41.18
N ASP B 118 35.56 7.98 41.73
CA ASP B 118 34.64 8.11 42.84
C ASP B 118 33.22 8.43 42.38
N MET B 119 32.98 8.41 41.07
CA MET B 119 31.69 8.84 40.55
C MET B 119 31.18 7.94 39.44
N GLN C 9 -2.69 -20.35 -6.27
CA GLN C 9 -2.66 -18.87 -5.97
C GLN C 9 -3.67 -18.51 -4.86
N GLN C 10 -3.59 -17.27 -4.40
CA GLN C 10 -4.06 -16.93 -3.06
C GLN C 10 -5.47 -16.40 -2.99
N VAL C 11 -5.97 -15.79 -4.06
CA VAL C 11 -7.34 -15.29 -4.09
C VAL C 11 -8.01 -16.02 -5.23
N ARG C 12 -9.06 -16.76 -4.90
CA ARG C 12 -9.76 -17.61 -5.87
C ARG C 12 -11.13 -16.98 -6.08
N GLN C 13 -11.41 -16.56 -7.30
CA GLN C 13 -12.66 -15.89 -7.64
C GLN C 13 -13.39 -16.65 -8.73
N SER C 14 -14.62 -17.07 -8.44
CA SER C 14 -15.48 -17.86 -9.32
C SER C 14 -16.88 -17.33 -9.19
N PRO C 15 -17.73 -17.44 -10.22
CA PRO C 15 -17.38 -17.95 -11.55
C PRO C 15 -16.73 -16.88 -12.46
N GLN C 16 -16.44 -17.25 -13.69
CA GLN C 16 -15.95 -16.29 -14.69
C GLN C 16 -17.03 -15.26 -15.08
N SER C 17 -18.26 -15.71 -15.28
CA SER C 17 -19.37 -14.80 -15.58
C SER C 17 -20.62 -15.24 -14.85
N LEU C 18 -21.50 -14.27 -14.67
CA LEU C 18 -22.76 -14.47 -13.99
C LEU C 18 -23.75 -13.45 -14.54
N THR C 19 -24.98 -13.92 -14.84
CA THR C 19 -26.10 -13.05 -15.15
C THR C 19 -27.18 -13.11 -14.04
N VAL C 20 -27.63 -11.93 -13.62
CA VAL C 20 -28.73 -11.82 -12.66
C VAL C 20 -29.78 -10.88 -13.21
N TRP C 21 -31.02 -11.20 -12.89
CA TRP C 21 -32.15 -10.47 -13.41
C TRP C 21 -32.14 -9.08 -12.80
N GLU C 22 -32.57 -8.09 -13.58
CA GLU C 22 -32.68 -6.70 -13.12
C GLU C 22 -33.59 -6.63 -11.88
N GLY C 23 -33.16 -5.88 -10.87
CA GLY C 23 -33.82 -5.84 -9.56
C GLY C 23 -33.40 -6.91 -8.52
N GLY C 24 -32.86 -8.03 -9.02
CA GLY C 24 -32.43 -9.13 -8.17
C GLY C 24 -31.21 -8.72 -7.36
N THR C 25 -30.85 -9.57 -6.41
CA THR C 25 -29.68 -9.36 -5.59
C THR C 25 -28.53 -10.19 -6.19
N THR C 26 -27.45 -9.50 -6.51
CA THR C 26 -26.26 -10.16 -7.01
C THR C 26 -25.39 -10.56 -5.82
N VAL C 27 -24.94 -11.83 -5.79
CA VAL C 27 -23.98 -12.33 -4.81
C VAL C 27 -22.75 -12.83 -5.52
N LEU C 28 -21.65 -12.14 -5.27
CA LEU C 28 -20.30 -12.50 -5.73
C LEU C 28 -19.47 -12.95 -4.55
N THR C 29 -18.70 -14.02 -4.74
CA THR C 29 -17.90 -14.58 -3.66
C THR C 29 -16.50 -14.90 -4.12
N CYS C 30 -15.58 -14.83 -3.16
CA CYS C 30 -14.17 -15.19 -3.32
C CYS C 30 -13.71 -15.92 -2.08
N SER C 31 -12.65 -16.72 -2.24
CA SER C 31 -11.99 -17.36 -1.13
C SER C 31 -10.50 -17.01 -1.17
N TYR C 32 -9.86 -17.04 0.00
CA TYR C 32 -8.42 -16.84 0.08
C TYR C 32 -7.72 -17.93 0.92
N GLU C 33 -6.44 -18.08 0.65
CA GLU C 33 -5.64 -19.12 1.24
C GLU C 33 -4.94 -18.64 2.53
N ASP C 34 -4.35 -17.45 2.48
CA ASP C 34 -3.48 -16.95 3.58
C ASP C 34 -4.36 -16.36 4.66
N SER C 35 -4.48 -17.08 5.78
CA SER C 35 -5.37 -16.65 6.87
C SER C 35 -4.91 -15.35 7.58
N THR C 36 -3.69 -14.90 7.31
CA THR C 36 -3.20 -13.63 7.87
C THR C 36 -3.64 -12.40 7.03
N PHE C 37 -4.18 -12.61 5.81
CA PHE C 37 -4.66 -11.47 5.03
C PHE C 37 -5.65 -10.66 5.88
N ASN C 38 -5.54 -9.34 5.86
CA ASN C 38 -6.41 -8.50 6.69
C ASN C 38 -6.97 -7.24 6.07
N TYR C 39 -6.78 -7.07 4.78
CA TYR C 39 -7.43 -5.96 4.05
C TYR C 39 -7.95 -6.48 2.72
N PHE C 40 -9.22 -6.18 2.45
CA PHE C 40 -9.96 -6.83 1.35
C PHE C 40 -10.75 -5.80 0.52
N PRO C 41 -10.12 -5.25 -0.51
CA PRO C 41 -10.80 -4.27 -1.38
C PRO C 41 -11.42 -4.95 -2.59
N TRP C 42 -12.55 -4.43 -3.06
CA TRP C 42 -13.19 -4.84 -4.31
C TRP C 42 -12.98 -3.72 -5.32
N TYR C 43 -12.58 -4.10 -6.53
CA TYR C 43 -12.46 -3.17 -7.63
C TYR C 43 -13.49 -3.56 -8.70
N GLN C 44 -14.06 -2.52 -9.31
CA GLN C 44 -15.07 -2.65 -10.33
C GLN C 44 -14.48 -2.07 -11.61
N GLN C 45 -14.65 -2.80 -12.73
CA GLN C 45 -14.12 -2.39 -14.00
C GLN C 45 -15.21 -2.43 -15.09
N PHE C 46 -15.49 -1.27 -15.64
CA PHE C 46 -16.39 -1.14 -16.78
C PHE C 46 -15.63 -1.37 -18.10
N PRO C 47 -16.32 -1.84 -19.14
CA PRO C 47 -15.64 -2.04 -20.44
C PRO C 47 -14.92 -0.77 -20.98
N GLY C 48 -13.69 -0.94 -21.45
CA GLY C 48 -12.86 0.16 -21.96
C GLY C 48 -12.30 1.16 -20.94
N GLU C 49 -12.51 0.88 -19.64
CA GLU C 49 -11.98 1.67 -18.55
C GLU C 49 -11.08 0.78 -17.70
N GLY C 50 -10.36 1.40 -16.78
CA GLY C 50 -9.56 0.66 -15.82
C GLY C 50 -10.37 0.33 -14.61
N PRO C 51 -9.90 -0.64 -13.77
CA PRO C 51 -10.51 -0.89 -12.48
C PRO C 51 -10.47 0.32 -11.57
N ALA C 52 -11.50 0.43 -10.73
CA ALA C 52 -11.60 1.51 -9.76
C ALA C 52 -12.11 0.93 -8.45
N LEU C 53 -11.54 1.38 -7.35
CA LEU C 53 -11.90 0.87 -6.03
C LEU C 53 -13.40 1.08 -5.80
N LEU C 54 -14.10 0.01 -5.46
CA LEU C 54 -15.53 0.06 -5.20
C LEU C 54 -15.81 0.19 -3.72
N ILE C 55 -15.32 -0.79 -2.96
CA ILE C 55 -15.63 -0.90 -1.55
C ILE C 55 -14.46 -1.70 -0.93
N SER C 56 -14.17 -1.42 0.32
CA SER C 56 -13.15 -2.21 1.03
C SER C 56 -13.49 -2.48 2.48
N ILE C 57 -12.87 -3.52 3.03
CA ILE C 57 -13.13 -3.89 4.42
C ILE C 57 -11.87 -4.47 5.08
N LEU C 58 -11.74 -4.18 6.35
CA LEU C 58 -10.68 -4.70 7.18
C LEU C 58 -11.17 -5.94 7.89
N SER C 59 -10.23 -6.82 8.28
CA SER C 59 -10.61 -8.09 8.89
C SER C 59 -11.23 -7.97 10.31
N VAL C 60 -11.10 -6.83 10.96
CA VAL C 60 -11.82 -6.53 12.23
C VAL C 60 -13.35 -6.46 12.07
N SER C 61 -13.84 -6.21 10.85
CA SER C 61 -15.28 -6.07 10.60
C SER C 61 -15.87 -7.30 9.91
N ASP C 62 -17.19 -7.41 10.06
CA ASP C 62 -18.01 -8.42 9.44
C ASP C 62 -18.58 -7.93 8.12
N LYS C 63 -18.96 -6.66 8.04
CA LYS C 63 -19.54 -6.12 6.81
C LYS C 63 -19.30 -4.63 6.69
N LYS C 64 -19.43 -4.13 5.48
CA LYS C 64 -19.37 -2.72 5.19
C LYS C 64 -20.41 -2.46 4.10
N GLU C 65 -21.26 -1.47 4.35
CA GLU C 65 -22.37 -1.12 3.46
C GLU C 65 -22.04 0.22 2.83
N ASP C 66 -22.31 0.35 1.54
CA ASP C 66 -22.26 1.64 0.86
C ASP C 66 -23.32 1.66 -0.26
N GLY C 67 -24.43 2.35 0.01
CA GLY C 67 -25.58 2.38 -0.91
C GLY C 67 -26.12 0.98 -1.10
N ARG C 68 -26.23 0.55 -2.37
CA ARG C 68 -26.70 -0.80 -2.73
C ARG C 68 -25.66 -1.92 -2.65
N PHE C 69 -24.42 -1.57 -2.34
CA PHE C 69 -23.33 -2.51 -2.25
C PHE C 69 -22.99 -2.82 -0.79
N THR C 70 -22.85 -4.11 -0.47
CA THR C 70 -22.40 -4.56 0.84
C THR C 70 -21.34 -5.63 0.62
N THR C 71 -20.20 -5.53 1.30
CA THR C 71 -19.19 -6.62 1.29
C THR C 71 -19.18 -7.29 2.67
N PHE C 72 -19.02 -8.61 2.69
CA PHE C 72 -19.02 -9.37 3.93
C PHE C 72 -17.71 -10.09 3.95
N PHE C 73 -17.19 -10.23 5.16
CA PHE C 73 -15.96 -10.91 5.40
C PHE C 73 -16.26 -11.97 6.41
N ASN C 74 -15.81 -13.19 6.12
CA ASN C 74 -15.89 -14.26 7.06
C ASN C 74 -14.55 -14.94 7.27
N LYS C 75 -13.87 -14.56 8.35
CA LYS C 75 -12.56 -15.13 8.69
C LYS C 75 -12.56 -16.64 8.84
N ARG C 76 -13.59 -17.20 9.43
CA ARG C 76 -13.59 -18.65 9.72
C ARG C 76 -13.55 -19.45 8.42
N GLU C 77 -14.33 -19.06 7.43
CA GLU C 77 -14.34 -19.78 6.15
C GLU C 77 -13.33 -19.24 5.12
N LYS C 78 -12.69 -18.11 5.44
CA LYS C 78 -11.81 -17.39 4.51
C LYS C 78 -12.54 -17.07 3.20
N LYS C 79 -13.66 -16.37 3.35
CA LYS C 79 -14.54 -16.03 2.25
C LYS C 79 -14.91 -14.57 2.32
N LEU C 80 -14.92 -13.94 1.17
CA LEU C 80 -15.33 -12.58 0.99
C LEU C 80 -16.52 -12.63 0.05
N SER C 81 -17.44 -11.71 0.19
CA SER C 81 -18.52 -11.65 -0.76
C SER C 81 -18.93 -10.21 -0.96
N LEU C 82 -19.57 -9.95 -2.10
CA LEU C 82 -20.11 -8.66 -2.43
C LEU C 82 -21.55 -8.88 -2.83
N HIS C 83 -22.46 -8.17 -2.17
CA HIS C 83 -23.89 -8.24 -2.43
C HIS C 83 -24.28 -6.92 -3.10
N ILE C 84 -25.07 -7.01 -4.16
CA ILE C 84 -25.68 -5.86 -4.82
C ILE C 84 -27.20 -6.06 -4.84
N ILE C 85 -27.93 -5.24 -4.08
CA ILE C 85 -29.39 -5.32 -4.04
C ILE C 85 -29.96 -4.46 -5.19
N ASP C 86 -31.18 -4.78 -5.61
CA ASP C 86 -31.81 -4.08 -6.73
C ASP C 86 -30.88 -3.83 -7.98
N SER C 87 -30.32 -5.01 -8.43
CA SER C 87 -29.24 -4.99 -9.43
C SER C 87 -29.70 -4.26 -10.72
N GLN C 88 -28.87 -3.33 -11.22
CA GLN C 88 -29.21 -2.44 -12.35
C GLN C 88 -28.30 -2.66 -13.58
N PRO C 89 -28.75 -2.27 -14.80
CA PRO C 89 -27.87 -2.42 -15.99
C PRO C 89 -26.52 -1.71 -15.85
N GLY C 90 -26.51 -0.52 -15.22
CA GLY C 90 -25.29 0.22 -14.91
C GLY C 90 -24.27 -0.46 -13.97
N ASP C 91 -24.69 -1.51 -13.25
CA ASP C 91 -23.77 -2.37 -12.48
C ASP C 91 -23.05 -3.43 -13.33
N SER C 92 -23.42 -3.57 -14.62
CA SER C 92 -22.76 -4.55 -15.49
C SER C 92 -21.29 -4.16 -15.60
N ALA C 93 -20.41 -5.07 -15.17
CA ALA C 93 -18.97 -4.80 -15.05
C ALA C 93 -18.26 -6.06 -14.57
N THR C 94 -16.94 -5.99 -14.56
CA THR C 94 -16.13 -7.02 -14.00
C THR C 94 -15.76 -6.60 -12.57
N TYR C 95 -15.99 -7.51 -11.62
CA TYR C 95 -15.69 -7.26 -10.21
C TYR C 95 -14.54 -8.11 -9.79
N PHE C 96 -13.50 -7.46 -9.24
CA PHE C 96 -12.33 -8.12 -8.72
C PHE C 96 -12.31 -8.04 -7.21
N CYS C 97 -12.24 -9.20 -6.56
CA CYS C 97 -11.90 -9.19 -5.13
C CYS C 97 -10.38 -9.15 -5.05
N ALA C 98 -9.89 -8.76 -3.89
CA ALA C 98 -8.46 -8.69 -3.65
C ALA C 98 -8.19 -8.85 -2.16
N ALA C 99 -6.94 -9.14 -1.84
CA ALA C 99 -6.57 -9.40 -0.44
C ALA C 99 -5.13 -9.07 -0.26
N LEU C 100 -4.81 -8.61 0.94
CA LEU C 100 -3.44 -8.48 1.34
C LEU C 100 -3.30 -8.47 2.87
N TYR C 101 -2.06 -8.59 3.30
CA TYR C 101 -1.62 -8.40 4.69
C TYR C 101 -0.67 -7.21 4.79
N GLY C 102 -0.91 -6.36 5.79
CA GLY C 102 0.02 -5.34 6.19
C GLY C 102 0.28 -4.34 5.08
N ASN C 103 1.53 -4.18 4.65
CA ASN C 103 1.84 -3.35 3.47
C ASN C 103 2.34 -4.16 2.31
N GLU C 104 2.01 -5.45 2.28
CA GLU C 104 2.46 -6.31 1.19
C GLU C 104 1.65 -5.98 -0.09
N LYS C 105 2.14 -6.41 -1.24
CA LYS C 105 1.41 -6.10 -2.49
C LYS C 105 0.08 -6.79 -2.56
N ILE C 106 -0.90 -6.08 -3.05
CA ILE C 106 -2.24 -6.59 -3.35
C ILE C 106 -2.20 -7.85 -4.21
N THR C 107 -3.05 -8.84 -3.92
CA THR C 107 -3.33 -9.95 -4.84
C THR C 107 -4.75 -9.82 -5.36
N PHE C 108 -4.90 -9.76 -6.69
CA PHE C 108 -6.23 -9.77 -7.32
C PHE C 108 -6.72 -11.16 -7.68
N GLY C 109 -8.02 -11.37 -7.48
CA GLY C 109 -8.71 -12.50 -8.06
C GLY C 109 -8.79 -12.38 -9.61
N ALA C 110 -9.30 -13.40 -10.26
CA ALA C 110 -9.41 -13.38 -11.74
C ALA C 110 -10.55 -12.47 -12.26
N GLY C 111 -11.45 -12.03 -11.38
CA GLY C 111 -12.59 -11.21 -11.77
C GLY C 111 -13.79 -12.04 -12.23
N THR C 112 -14.98 -11.62 -11.80
CA THR C 112 -16.26 -12.13 -12.33
C THR C 112 -16.96 -11.04 -13.17
N LYS C 113 -17.31 -11.41 -14.41
CA LYS C 113 -18.05 -10.52 -15.30
C LYS C 113 -19.55 -10.64 -15.04
N LEU C 114 -20.12 -9.53 -14.59
CA LEU C 114 -21.52 -9.47 -14.18
C LEU C 114 -22.39 -8.87 -15.30
N THR C 115 -23.46 -9.53 -15.71
CA THR C 115 -24.43 -8.86 -16.65
C THR C 115 -25.88 -8.92 -16.07
N ILE C 116 -26.37 -7.66 -15.86
CA ILE C 116 -27.72 -7.48 -15.35
C ILE C 116 -28.62 -7.32 -16.55
N LYS C 117 -29.51 -8.28 -16.72
CA LYS C 117 -30.44 -8.27 -17.83
C LYS C 117 -31.89 -8.28 -17.34
N PRO C 118 -32.77 -7.53 -18.04
CA PRO C 118 -34.20 -7.51 -17.67
C PRO C 118 -34.91 -8.84 -17.99
N ASN C 119 -35.92 -9.18 -17.19
CA ASN C 119 -36.74 -10.37 -17.46
C ASN C 119 -37.98 -9.90 -18.22
N ILE C 120 -37.87 -9.83 -19.54
CA ILE C 120 -38.84 -9.08 -20.38
C ILE C 120 -40.32 -9.34 -20.05
N GLN C 121 -41.02 -8.25 -19.86
CA GLN C 121 -42.42 -8.23 -19.49
C GLN C 121 -43.39 -8.88 -20.50
N ASN C 122 -43.65 -8.24 -21.64
CA ASN C 122 -44.56 -8.80 -22.61
C ASN C 122 -43.91 -9.11 -23.96
N PRO C 123 -43.34 -10.38 -24.07
CA PRO C 123 -42.64 -10.60 -25.34
C PRO C 123 -43.54 -10.76 -26.55
N GLU C 124 -43.06 -10.33 -27.71
CA GLU C 124 -43.80 -10.46 -28.95
C GLU C 124 -42.90 -10.66 -30.15
N PRO C 125 -42.40 -11.96 -30.31
CA PRO C 125 -41.37 -12.08 -31.35
C PRO C 125 -41.73 -11.71 -32.79
N ALA C 126 -40.81 -11.06 -33.48
CA ALA C 126 -40.93 -10.81 -34.90
C ALA C 126 -39.57 -10.82 -35.58
N VAL C 127 -39.57 -11.17 -36.85
CA VAL C 127 -38.39 -11.21 -37.66
C VAL C 127 -38.61 -10.30 -38.87
N TYR C 128 -37.67 -9.40 -39.11
CA TYR C 128 -37.74 -8.44 -40.23
C TYR C 128 -36.53 -8.56 -41.10
N GLN C 129 -36.67 -8.15 -42.36
CA GLN C 129 -35.55 -7.97 -43.27
C GLN C 129 -35.31 -6.48 -43.37
N LEU C 130 -34.04 -6.10 -43.38
CA LEU C 130 -33.61 -4.73 -43.53
C LEU C 130 -32.67 -4.68 -44.70
N LYS C 131 -32.65 -3.54 -45.35
CA LYS C 131 -31.80 -3.35 -46.48
C LYS C 131 -30.87 -2.15 -46.33
N ASP C 132 -29.71 -2.30 -46.93
CA ASP C 132 -28.73 -1.27 -47.01
C ASP C 132 -28.90 -0.54 -48.32
N PRO C 133 -29.29 0.80 -48.19
CA PRO C 133 -29.54 1.48 -49.47
C PRO C 133 -28.31 1.77 -50.31
N ARG C 134 -27.13 1.71 -49.74
CA ARG C 134 -25.92 2.02 -50.47
C ARG C 134 -25.42 0.80 -51.17
N SER C 135 -26.27 -0.22 -51.24
CA SER C 135 -25.95 -1.43 -51.94
C SER C 135 -26.94 -1.83 -53.04
N GLN C 136 -26.47 -2.65 -53.94
CA GLN C 136 -27.31 -3.23 -54.94
C GLN C 136 -28.38 -4.07 -54.26
N ASP C 137 -27.96 -5.10 -53.54
CA ASP C 137 -28.87 -6.13 -53.02
C ASP C 137 -28.58 -6.63 -51.60
N SER C 138 -27.90 -5.83 -50.79
CA SER C 138 -27.46 -6.26 -49.45
C SER C 138 -28.58 -6.13 -48.43
N THR C 139 -28.87 -7.24 -47.73
CA THR C 139 -29.90 -7.28 -46.72
C THR C 139 -29.40 -8.08 -45.49
N LEU C 140 -30.09 -7.89 -44.37
CA LEU C 140 -29.85 -8.71 -43.20
C LEU C 140 -31.17 -8.94 -42.50
N CYS C 141 -31.14 -9.78 -41.46
CA CYS C 141 -32.35 -10.21 -40.77
C CYS C 141 -32.27 -9.82 -39.31
N LEU C 142 -33.34 -9.23 -38.79
CA LEU C 142 -33.46 -8.81 -37.39
C LEU C 142 -34.52 -9.60 -36.66
N PHE C 143 -34.16 -10.21 -35.53
CA PHE C 143 -35.05 -10.95 -34.64
C PHE C 143 -35.19 -10.06 -33.41
N THR C 144 -36.39 -9.56 -33.14
CA THR C 144 -36.57 -8.63 -32.02
C THR C 144 -37.81 -8.96 -31.16
N ASP C 145 -37.78 -8.44 -29.93
CA ASP C 145 -38.91 -8.54 -28.98
C ASP C 145 -39.27 -9.97 -28.55
N PHE C 146 -38.27 -10.84 -28.46
CA PHE C 146 -38.47 -12.25 -28.07
C PHE C 146 -38.20 -12.41 -26.58
N ASP C 147 -38.59 -13.57 -26.03
CA ASP C 147 -38.48 -13.83 -24.59
C ASP C 147 -37.02 -13.96 -24.13
N SER C 148 -36.75 -13.63 -22.87
CA SER C 148 -35.41 -13.77 -22.29
C SER C 148 -35.00 -15.25 -22.09
N GLN C 149 -35.98 -16.15 -22.03
CA GLN C 149 -35.72 -17.59 -21.88
C GLN C 149 -35.25 -18.24 -23.19
N ILE C 150 -35.67 -17.69 -24.32
CA ILE C 150 -35.33 -18.23 -25.65
C ILE C 150 -33.82 -18.29 -25.87
N ASN C 151 -33.38 -19.38 -26.54
CA ASN C 151 -32.00 -19.54 -27.04
C ASN C 151 -31.93 -19.19 -28.51
N VAL C 152 -31.12 -18.18 -28.82
CA VAL C 152 -30.91 -17.75 -30.20
C VAL C 152 -30.05 -18.82 -30.88
N PRO C 153 -30.53 -19.42 -32.00
CA PRO C 153 -29.67 -20.45 -32.61
C PRO C 153 -28.38 -19.86 -33.23
N LYS C 154 -27.35 -20.70 -33.28
CA LYS C 154 -26.09 -20.35 -33.90
C LYS C 154 -26.10 -20.88 -35.32
N THR C 155 -25.19 -20.36 -36.13
CA THR C 155 -25.13 -20.72 -37.54
C THR C 155 -24.75 -22.19 -37.70
N MET C 156 -25.55 -22.91 -38.49
CA MET C 156 -25.24 -24.30 -38.83
C MET C 156 -24.56 -24.36 -40.21
N GLU C 157 -23.85 -23.28 -40.60
CA GLU C 157 -23.45 -23.09 -42.01
C GLU C 157 -22.47 -21.92 -42.21
N SER C 158 -21.41 -22.14 -42.99
CA SER C 158 -20.46 -21.08 -43.32
C SER C 158 -21.08 -20.08 -44.31
N GLY C 159 -20.54 -18.87 -44.32
CA GLY C 159 -21.13 -17.75 -45.06
C GLY C 159 -22.28 -17.05 -44.34
N THR C 160 -22.87 -17.71 -43.34
CA THR C 160 -24.00 -17.17 -42.60
C THR C 160 -23.59 -16.96 -41.15
N PHE C 161 -23.99 -15.83 -40.61
CA PHE C 161 -23.59 -15.41 -39.28
C PHE C 161 -24.82 -15.00 -38.49
N ILE C 162 -24.87 -15.42 -37.21
CA ILE C 162 -25.95 -15.03 -36.30
C ILE C 162 -25.37 -14.57 -34.96
N THR C 163 -25.75 -13.36 -34.55
CA THR C 163 -25.18 -12.74 -33.37
C THR C 163 -25.92 -13.26 -32.18
N ASP C 164 -25.33 -13.01 -31.02
CA ASP C 164 -25.93 -13.37 -29.76
C ASP C 164 -27.00 -12.36 -29.39
N LYS C 165 -27.90 -12.79 -28.49
CA LYS C 165 -28.89 -11.94 -27.86
C LYS C 165 -28.22 -10.65 -27.36
N CYS C 166 -28.77 -9.51 -27.75
CA CYS C 166 -28.33 -8.21 -27.28
C CYS C 166 -29.58 -7.49 -26.74
N VAL C 167 -29.55 -7.09 -25.48
CA VAL C 167 -30.69 -6.41 -24.85
C VAL C 167 -30.52 -4.92 -25.01
N LEU C 168 -31.52 -4.24 -25.58
CA LEU C 168 -31.57 -2.75 -25.55
C LEU C 168 -32.70 -2.21 -24.68
N ASP C 169 -32.54 -0.96 -24.26
CA ASP C 169 -33.53 -0.25 -23.47
C ASP C 169 -33.74 1.16 -24.05
N MET C 170 -34.92 1.37 -24.67
CA MET C 170 -35.39 2.72 -25.01
C MET C 170 -35.96 3.31 -23.74
N LYS C 171 -35.40 4.42 -23.25
CA LYS C 171 -35.69 4.88 -21.88
C LYS C 171 -37.03 5.62 -21.65
N ALA C 172 -37.86 5.76 -22.69
CA ALA C 172 -39.29 6.12 -22.54
C ALA C 172 -40.11 5.51 -23.68
N ASP C 174 -41.21 0.26 -19.59
CA ASP C 174 -41.92 0.52 -20.84
C ASP C 174 -41.34 -0.15 -22.11
N SER C 175 -40.02 -0.13 -22.32
CA SER C 175 -39.48 -0.50 -23.66
C SER C 175 -38.07 -1.13 -23.77
N LYS C 176 -37.77 -2.06 -22.85
CA LYS C 176 -36.59 -2.93 -22.99
C LYS C 176 -36.90 -3.98 -24.07
N SER C 177 -35.91 -4.39 -24.87
CA SER C 177 -36.12 -5.49 -25.83
C SER C 177 -34.85 -6.27 -26.17
N ASN C 178 -35.05 -7.58 -26.33
CA ASN C 178 -34.04 -8.53 -26.79
C ASN C 178 -33.90 -8.52 -28.31
N GLY C 179 -32.67 -8.62 -28.82
CA GLY C 179 -32.47 -8.66 -30.24
C GLY C 179 -31.32 -9.51 -30.68
N ALA C 180 -31.36 -9.90 -31.95
CA ALA C 180 -30.29 -10.65 -32.60
C ALA C 180 -30.36 -10.40 -34.09
N ILE C 181 -29.21 -10.48 -34.76
CA ILE C 181 -29.11 -10.10 -36.18
C ILE C 181 -28.48 -11.26 -36.93
N ALA C 182 -28.84 -11.43 -38.19
CA ALA C 182 -28.19 -12.42 -39.04
C ALA C 182 -28.00 -11.87 -40.44
N TRP C 183 -26.90 -12.26 -41.09
CA TRP C 183 -26.60 -11.91 -42.47
C TRP C 183 -25.88 -13.09 -43.11
N SER C 184 -25.78 -13.07 -44.44
CA SER C 184 -25.25 -14.21 -45.20
C SER C 184 -24.57 -13.75 -46.48
N ASN C 185 -24.22 -14.70 -47.36
CA ASN C 185 -23.57 -14.40 -48.65
C ASN C 185 -24.32 -15.04 -49.82
N GLN C 186 -25.66 -14.95 -49.82
CA GLN C 186 -26.48 -15.51 -50.89
C GLN C 186 -27.95 -15.01 -50.89
N THR C 187 -28.63 -15.19 -52.04
CA THR C 187 -30.09 -14.98 -52.17
C THR C 187 -30.89 -16.18 -51.63
N SER C 188 -30.29 -17.38 -51.63
CA SER C 188 -30.94 -18.63 -51.16
C SER C 188 -31.20 -18.75 -49.64
N PHE C 189 -30.87 -17.72 -48.85
CA PHE C 189 -31.31 -17.61 -47.45
C PHE C 189 -32.43 -16.55 -47.31
N THR C 190 -33.41 -16.83 -46.45
CA THR C 190 -34.49 -15.89 -46.12
C THR C 190 -34.50 -15.69 -44.62
N CYS C 191 -35.26 -14.71 -44.15
CA CYS C 191 -35.23 -14.35 -42.72
C CYS C 191 -36.05 -15.26 -41.81
N GLN C 192 -37.30 -15.53 -42.16
CA GLN C 192 -38.18 -16.38 -41.33
C GLN C 192 -37.71 -17.84 -41.08
N ASP C 193 -36.73 -18.32 -41.87
CA ASP C 193 -36.06 -19.60 -41.60
C ASP C 193 -34.95 -19.51 -40.54
N ILE C 194 -34.01 -18.60 -40.79
CA ILE C 194 -32.71 -18.61 -40.10
C ILE C 194 -32.79 -18.62 -38.56
N PHE C 195 -33.81 -17.99 -37.99
CA PHE C 195 -33.92 -17.86 -36.52
C PHE C 195 -34.57 -19.01 -35.72
N LYS C 196 -35.06 -20.06 -36.39
CA LYS C 196 -35.48 -21.29 -35.67
C LYS C 196 -35.03 -22.54 -36.40
N ALA D 1 -4.76 12.09 -11.93
CA ALA D 1 -5.17 11.26 -13.11
C ALA D 1 -4.01 10.36 -13.50
N VAL D 2 -4.36 9.20 -14.05
CA VAL D 2 -3.41 8.27 -14.66
C VAL D 2 -3.82 8.07 -16.13
N THR D 3 -2.94 8.40 -17.06
CA THR D 3 -3.31 8.42 -18.47
C THR D 3 -2.24 7.63 -19.23
N GLN D 4 -2.68 6.72 -20.07
CA GLN D 4 -1.80 5.80 -20.76
C GLN D 4 -1.72 6.20 -22.18
N SER D 5 -0.63 5.85 -22.82
CA SER D 5 -0.44 6.16 -24.22
C SER D 5 0.37 5.01 -24.88
N PRO D 6 0.02 4.56 -26.11
CA PRO D 6 -1.23 4.91 -26.81
C PRO D 6 -2.41 4.14 -26.24
N ARG D 7 -3.58 4.51 -26.73
CA ARG D 7 -4.83 3.83 -26.37
C ARG D 7 -4.85 2.38 -26.91
N SER D 8 -4.28 2.24 -28.10
CA SER D 8 -4.29 1.00 -28.82
C SER D 8 -3.00 0.88 -29.59
N LYS D 9 -2.49 -0.33 -29.74
CA LYS D 9 -1.30 -0.54 -30.54
C LYS D 9 -1.38 -1.83 -31.35
N VAL D 10 -0.97 -1.75 -32.60
CA VAL D 10 -0.83 -2.97 -33.40
C VAL D 10 0.61 -3.03 -33.74
N ALA D 11 1.25 -4.15 -33.43
CA ALA D 11 2.67 -4.39 -33.71
C ALA D 11 3.00 -5.74 -34.38
N VAL D 12 4.11 -5.75 -35.13
CA VAL D 12 4.65 -6.94 -35.74
C VAL D 12 5.40 -7.82 -34.75
N THR D 13 5.32 -9.14 -34.90
CA THR D 13 6.09 -10.05 -34.05
C THR D 13 7.56 -9.77 -34.28
N GLY D 14 8.30 -9.75 -33.19
CA GLY D 14 9.67 -9.31 -33.20
C GLY D 14 9.89 -7.80 -33.22
N GLY D 15 8.83 -7.00 -33.20
CA GLY D 15 8.98 -5.54 -33.28
C GLY D 15 9.06 -5.02 -31.84
N LYS D 16 9.51 -3.78 -31.68
CA LYS D 16 9.65 -3.20 -30.37
C LYS D 16 8.42 -2.34 -30.04
N VAL D 17 7.87 -2.48 -28.85
CA VAL D 17 6.70 -1.72 -28.45
C VAL D 17 6.99 -1.05 -27.11
N THR D 18 6.66 0.23 -26.98
CA THR D 18 6.67 0.93 -25.68
C THR D 18 5.28 1.46 -25.32
N LEU D 19 4.80 1.08 -24.14
CA LEU D 19 3.58 1.61 -23.56
C LEU D 19 3.96 2.57 -22.46
N SER D 20 3.31 3.72 -22.46
CA SER D 20 3.64 4.84 -21.59
C SER D 20 2.52 5.12 -20.62
N CYS D 21 2.91 5.58 -19.44
CA CYS D 21 1.95 6.00 -18.46
C CYS D 21 2.44 7.25 -17.82
N HIS D 22 1.52 8.21 -17.68
CA HIS D 22 1.76 9.49 -17.04
C HIS D 22 0.77 9.66 -15.91
N GLN D 23 1.26 9.91 -14.70
CA GLN D 23 0.38 10.19 -13.54
C GLN D 23 0.68 11.51 -12.89
N THR D 24 -0.39 12.25 -12.59
CA THR D 24 -0.33 13.55 -11.96
C THR D 24 -0.87 13.47 -10.53
N ASN D 25 -0.80 12.30 -9.90
CA ASN D 25 -1.24 12.14 -8.52
C ASN D 25 -0.16 12.44 -7.48
N ASN D 26 1.06 12.80 -7.90
CA ASN D 26 2.24 12.88 -6.99
C ASN D 26 2.47 11.61 -6.20
N HIS D 27 2.19 10.48 -6.84
CA HIS D 27 2.35 9.19 -6.21
C HIS D 27 3.71 8.70 -6.46
N ASP D 28 4.20 7.87 -5.56
CA ASP D 28 5.53 7.29 -5.71
C ASP D 28 5.55 5.88 -6.30
N TYR D 29 4.51 5.09 -6.08
CA TYR D 29 4.46 3.74 -6.62
C TYR D 29 3.73 3.81 -7.97
N MET D 30 4.29 3.11 -8.95
CA MET D 30 3.62 2.84 -10.24
C MET D 30 3.71 1.37 -10.62
N TYR D 31 2.69 0.88 -11.37
CA TYR D 31 2.52 -0.52 -11.65
C TYR D 31 2.08 -0.73 -13.12
N TRP D 32 2.52 -1.83 -13.73
CA TRP D 32 1.95 -2.33 -15.03
C TRP D 32 1.32 -3.69 -14.84
N TYR D 33 0.03 -3.81 -15.14
CA TYR D 33 -0.72 -5.05 -15.06
C TYR D 33 -1.19 -5.57 -16.42
N ARG D 34 -1.33 -6.90 -16.51
CA ARG D 34 -1.83 -7.56 -17.71
C ARG D 34 -3.18 -8.19 -17.40
N GLN D 35 -4.10 -7.95 -18.32
CA GLN D 35 -5.42 -8.52 -18.27
C GLN D 35 -5.62 -9.25 -19.61
N ASP D 36 -6.25 -10.40 -19.55
CA ASP D 36 -6.41 -11.31 -20.71
C ASP D 36 -7.82 -11.66 -20.89
N THR D 37 -8.34 -11.28 -22.05
CA THR D 37 -9.74 -11.44 -22.39
C THR D 37 -10.62 -11.07 -21.17
N GLY D 38 -10.34 -9.91 -20.55
CA GLY D 38 -11.16 -9.33 -19.50
C GLY D 38 -10.94 -9.85 -18.07
N HIS D 39 -10.09 -10.87 -17.92
CA HIS D 39 -9.83 -11.51 -16.63
C HIS D 39 -8.38 -11.28 -16.18
N GLY D 40 -8.22 -11.25 -14.88
CA GLY D 40 -6.90 -11.09 -14.25
C GLY D 40 -6.44 -9.64 -14.19
N LEU D 41 -5.64 -9.37 -13.15
CA LEU D 41 -4.76 -8.20 -13.11
C LEU D 41 -3.48 -8.77 -12.60
N ARG D 42 -2.63 -9.20 -13.53
CA ARG D 42 -1.36 -9.85 -13.16
C ARG D 42 -0.21 -8.86 -13.28
N LEU D 43 0.51 -8.65 -12.18
CA LEU D 43 1.52 -7.60 -12.06
C LEU D 43 2.73 -8.06 -12.86
N ILE D 44 3.21 -7.18 -13.75
CA ILE D 44 4.33 -7.45 -14.58
C ILE D 44 5.55 -6.87 -13.92
N HIS D 45 5.55 -5.54 -13.77
CA HIS D 45 6.62 -4.81 -13.10
C HIS D 45 6.00 -3.69 -12.26
N TYR D 46 6.75 -3.22 -11.29
CA TYR D 46 6.34 -2.02 -10.58
C TYR D 46 7.61 -1.22 -10.25
N SER D 47 7.42 -0.05 -9.64
CA SER D 47 8.50 0.87 -9.27
C SER D 47 8.06 1.76 -8.11
N TYR D 48 8.96 2.00 -7.15
CA TYR D 48 8.63 2.88 -6.02
C TYR D 48 9.46 4.17 -5.96
N VAL D 49 10.29 4.37 -6.97
CA VAL D 49 11.08 5.55 -7.05
C VAL D 49 11.58 5.72 -8.48
N ALA D 50 11.62 6.97 -8.93
CA ALA D 50 12.36 7.41 -10.12
C ALA D 50 13.66 6.61 -10.28
N ASP D 51 13.90 6.13 -11.49
CA ASP D 51 15.13 5.44 -11.93
C ASP D 51 15.32 3.97 -11.64
N SER D 52 14.43 3.35 -10.87
CA SER D 52 14.50 1.92 -10.64
C SER D 52 13.13 1.23 -10.73
N THR D 53 13.17 -0.07 -10.97
CA THR D 53 11.99 -0.90 -11.09
C THR D 53 12.22 -2.26 -10.45
N GLU D 54 11.12 -2.99 -10.29
CA GLU D 54 11.09 -4.21 -9.53
C GLU D 54 10.22 -5.18 -10.28
N LYS D 55 10.58 -6.45 -10.24
CA LYS D 55 9.86 -7.48 -10.96
C LYS D 55 8.55 -7.76 -10.25
N GLY D 56 7.50 -7.96 -11.03
CA GLY D 56 6.19 -8.40 -10.51
C GLY D 56 6.07 -9.91 -10.61
N ASP D 57 4.85 -10.41 -10.74
CA ASP D 57 4.59 -11.84 -10.81
C ASP D 57 4.95 -12.48 -12.13
N ILE D 58 4.80 -11.73 -13.25
CA ILE D 58 4.97 -12.29 -14.59
C ILE D 58 5.87 -11.36 -15.43
N PRO D 59 7.12 -11.14 -15.01
CA PRO D 59 7.97 -10.17 -15.72
C PRO D 59 8.59 -10.66 -17.03
N ASP D 60 8.60 -11.98 -17.28
CA ASP D 60 9.28 -12.50 -18.45
C ASP D 60 8.71 -11.93 -19.74
N GLY D 61 9.65 -11.47 -20.56
CA GLY D 61 9.41 -10.86 -21.85
C GLY D 61 9.16 -9.37 -21.81
N TYR D 62 9.18 -8.78 -20.63
CA TYR D 62 8.89 -7.34 -20.51
C TYR D 62 10.00 -6.70 -19.73
N LYS D 63 10.30 -5.45 -20.07
CA LYS D 63 11.16 -4.59 -19.29
C LYS D 63 10.29 -3.41 -18.85
N ALA D 64 10.75 -2.71 -17.83
CA ALA D 64 10.10 -1.52 -17.33
C ALA D 64 11.11 -0.39 -17.21
N SER D 65 10.63 0.83 -17.27
CA SER D 65 11.48 2.00 -17.10
C SER D 65 10.76 3.10 -16.33
N ARG D 66 11.42 3.71 -15.34
CA ARG D 66 10.86 4.82 -14.54
C ARG D 66 11.70 6.09 -14.63
N PRO D 67 11.60 6.82 -15.74
CA PRO D 67 12.45 8.00 -15.95
C PRO D 67 12.13 9.24 -15.08
N SER D 68 11.02 9.22 -14.34
CA SER D 68 10.66 10.32 -13.43
C SER D 68 9.58 9.82 -12.50
N GLN D 69 9.19 10.67 -11.53
CA GLN D 69 8.12 10.29 -10.62
C GLN D 69 6.79 10.13 -11.36
N GLU D 70 6.59 10.91 -12.42
CA GLU D 70 5.34 10.94 -13.15
C GLU D 70 5.16 9.84 -14.20
N ASN D 71 6.28 9.26 -14.69
CA ASN D 71 6.26 8.41 -15.91
C ASN D 71 6.82 7.00 -15.69
N PHE D 72 6.13 6.01 -16.23
CA PHE D 72 6.53 4.64 -16.07
C PHE D 72 6.17 3.88 -17.34
N SER D 73 7.17 3.36 -18.01
CA SER D 73 6.90 2.75 -19.30
C SER D 73 7.13 1.23 -19.26
N LEU D 74 6.37 0.53 -20.10
CA LEU D 74 6.55 -0.89 -20.27
C LEU D 74 7.08 -1.17 -21.68
N ILE D 75 8.11 -2.02 -21.76
CA ILE D 75 8.86 -2.25 -23.00
C ILE D 75 8.88 -3.72 -23.38
N LEU D 76 8.50 -3.96 -24.61
CA LEU D 76 8.51 -5.27 -25.18
C LEU D 76 9.55 -5.16 -26.28
N GLU D 77 10.71 -5.77 -26.05
CA GLU D 77 11.84 -5.62 -26.99
C GLU D 77 11.57 -6.40 -28.26
N LEU D 78 11.08 -7.64 -28.11
CA LEU D 78 10.72 -8.51 -29.23
C LEU D 78 9.32 -9.00 -29.02
N ALA D 79 8.34 -8.24 -29.49
CA ALA D 79 6.98 -8.58 -29.23
C ALA D 79 6.67 -9.98 -29.76
N SER D 80 6.08 -10.83 -28.93
CA SER D 80 5.56 -12.12 -29.40
C SER D 80 4.03 -12.10 -29.44
N LEU D 81 3.50 -13.11 -30.11
CA LEU D 81 2.05 -13.38 -30.18
C LEU D 81 1.34 -13.45 -28.81
N SER D 82 2.04 -14.11 -27.88
CA SER D 82 1.58 -14.35 -26.52
C SER D 82 1.43 -13.06 -25.69
N GLN D 83 1.99 -11.95 -26.17
CA GLN D 83 1.84 -10.65 -25.51
C GLN D 83 0.63 -9.84 -25.97
N THR D 84 -0.18 -10.41 -26.87
CA THR D 84 -1.45 -9.82 -27.24
C THR D 84 -2.32 -9.86 -25.96
N ALA D 85 -2.70 -8.70 -25.45
CA ALA D 85 -3.45 -8.58 -24.18
C ALA D 85 -3.78 -7.08 -23.99
N VAL D 86 -4.41 -6.76 -22.84
CA VAL D 86 -4.72 -5.38 -22.50
C VAL D 86 -3.87 -5.05 -21.27
N TYR D 87 -3.18 -3.91 -21.31
CA TYR D 87 -2.28 -3.49 -20.26
C TYR D 87 -2.79 -2.25 -19.56
N PHE D 88 -2.72 -2.30 -18.20
CA PHE D 88 -3.19 -1.24 -17.34
C PHE D 88 -2.07 -0.77 -16.43
N CYS D 89 -1.86 0.54 -16.43
CA CYS D 89 -0.94 1.24 -15.56
C CYS D 89 -1.70 1.55 -14.30
N ALA D 90 -1.03 1.60 -13.15
CA ALA D 90 -1.63 2.21 -11.96
C ALA D 90 -0.60 3.01 -11.15
N SER D 91 -1.10 3.90 -10.30
CA SER D 91 -0.29 4.55 -9.29
C SER D 91 -0.87 4.32 -7.86
N SER D 92 0.00 4.42 -6.86
CA SER D 92 -0.44 4.54 -5.46
C SER D 92 0.53 5.33 -4.66
N ASP D 93 0.03 5.85 -3.53
CA ASP D 93 0.92 6.54 -2.58
CA ASP D 93 0.77 6.57 -2.54
C ASP D 93 2.27 5.78 -2.26
C ASP D 93 1.75 5.48 -1.97
N ALA D 94 2.14 4.74 -1.47
N ALA D 94 2.81 5.85 -1.25
CA ALA D 94 3.24 4.03 -0.86
CA ALA D 94 3.68 4.79 -0.72
C ALA D 94 2.88 2.54 -0.92
C ALA D 94 3.03 4.17 0.49
N GLY D 95 2.04 2.15 -1.89
N GLY D 95 3.49 2.99 0.88
CA GLY D 95 1.69 0.73 -2.03
CA GLY D 95 3.01 2.40 2.14
C GLY D 95 1.01 0.16 -0.81
C GLY D 95 2.10 1.23 1.91
N GLY D 96 1.15 -1.16 -0.62
N GLY D 96 1.28 0.93 2.91
CA GLY D 96 0.40 -1.87 0.41
CA GLY D 96 0.50 -0.29 2.88
C GLY D 96 -1.09 -1.59 0.35
C GLY D 96 -0.96 -0.07 2.69
N ARG D 97 -1.64 -0.98 1.40
N ARG D 97 -1.60 -0.75 1.68
CA ARG D 97 -3.08 -0.75 1.49
C ARG D 97 -3.58 0.51 0.75
N ASN D 98 -2.65 1.32 0.25
CA ASN D 98 -3.01 2.53 -0.46
C ASN D 98 -3.72 2.14 -1.73
N THR D 99 -4.85 2.78 -1.96
CA THR D 99 -5.65 2.55 -3.15
C THR D 99 -4.83 2.69 -4.45
N LEU D 100 -5.06 1.76 -5.36
CA LEU D 100 -4.45 1.83 -6.68
C LEU D 100 -5.35 2.66 -7.59
N TYR D 101 -4.74 3.60 -8.30
CA TYR D 101 -5.44 4.40 -9.31
C TYR D 101 -4.97 3.99 -10.70
N PHE D 102 -5.90 3.50 -11.54
CA PHE D 102 -5.54 2.85 -12.81
C PHE D 102 -5.76 3.80 -14.00
N GLY D 103 -4.97 3.63 -15.04
CA GLY D 103 -5.28 4.17 -16.38
C GLY D 103 -6.40 3.43 -17.04
N ALA D 104 -6.76 3.86 -18.24
CA ALA D 104 -7.92 3.31 -18.91
C ALA D 104 -7.57 2.11 -19.80
N GLY D 105 -6.29 1.72 -19.84
CA GLY D 105 -5.90 0.51 -20.54
C GLY D 105 -5.38 0.78 -21.95
N THR D 106 -4.51 -0.14 -22.39
CA THR D 106 -3.96 -0.16 -23.71
C THR D 106 -4.11 -1.56 -24.27
N ARG D 107 -4.83 -1.65 -25.40
CA ARG D 107 -4.94 -2.90 -26.08
C ARG D 107 -3.79 -3.06 -27.06
N LEU D 108 -3.12 -4.20 -26.99
CA LEU D 108 -2.02 -4.54 -27.84
C LEU D 108 -2.34 -5.80 -28.60
N SER D 109 -2.22 -5.69 -29.93
CA SER D 109 -2.26 -6.84 -30.82
C SER D 109 -0.93 -6.98 -31.52
N VAL D 110 -0.37 -8.19 -31.44
CA VAL D 110 0.89 -8.53 -32.06
C VAL D 110 0.61 -9.50 -33.17
N LEU D 111 1.09 -9.21 -34.38
CA LEU D 111 0.70 -9.96 -35.57
C LEU D 111 1.94 -10.37 -36.40
N GLU D 112 1.88 -11.52 -37.10
CA GLU D 112 3.00 -11.94 -37.95
C GLU D 112 3.23 -11.01 -39.14
N ASP D 113 2.16 -10.43 -39.69
CA ASP D 113 2.26 -9.63 -40.90
C ASP D 113 1.28 -8.45 -40.83
N LEU D 114 1.83 -7.25 -40.87
CA LEU D 114 0.98 -6.05 -40.83
C LEU D 114 0.11 -5.80 -42.06
N ARG D 115 0.41 -6.48 -43.16
CA ARG D 115 -0.46 -6.32 -44.36
C ARG D 115 -1.84 -6.85 -44.12
N ASN D 116 -2.04 -7.63 -43.05
CA ASN D 116 -3.37 -8.07 -42.68
C ASN D 116 -4.24 -7.01 -42.02
N VAL D 117 -3.65 -5.90 -41.57
CA VAL D 117 -4.38 -4.87 -40.87
C VAL D 117 -5.31 -4.21 -41.90
N THR D 118 -6.61 -4.16 -41.60
CA THR D 118 -7.62 -3.73 -42.59
C THR D 118 -8.77 -3.02 -41.86
N PRO D 119 -9.11 -1.78 -42.26
CA PRO D 119 -10.26 -1.15 -41.67
C PRO D 119 -11.60 -1.75 -42.16
N PRO D 120 -12.67 -1.50 -41.37
CA PRO D 120 -13.97 -2.05 -41.67
C PRO D 120 -14.65 -1.34 -42.82
N LYS D 121 -15.55 -2.05 -43.46
CA LYS D 121 -16.59 -1.42 -44.23
C LYS D 121 -17.76 -1.30 -43.28
N VAL D 122 -18.38 -0.14 -43.25
CA VAL D 122 -19.47 0.20 -42.34
C VAL D 122 -20.76 0.46 -43.12
N SER D 123 -21.80 -0.30 -42.79
CA SER D 123 -23.06 -0.20 -43.52
C SER D 123 -24.20 0.03 -42.55
N LEU D 124 -25.13 0.89 -42.94
CA LEU D 124 -26.30 1.19 -42.16
C LEU D 124 -27.50 0.62 -42.87
N PHE D 125 -28.16 -0.33 -42.21
CA PHE D 125 -29.38 -0.94 -42.72
C PHE D 125 -30.59 -0.19 -42.13
N GLU D 126 -31.54 0.17 -42.98
CA GLU D 126 -32.65 1.02 -42.59
C GLU D 126 -33.83 0.18 -42.06
N PRO D 127 -34.71 0.77 -41.24
CA PRO D 127 -35.77 0.04 -40.55
C PRO D 127 -36.78 -0.55 -41.50
N SER D 128 -37.26 -1.76 -41.18
CA SER D 128 -38.31 -2.47 -41.90
C SER D 128 -39.65 -1.73 -41.76
N LYS D 129 -40.33 -1.56 -42.88
CA LYS D 129 -41.65 -0.96 -42.86
C LYS D 129 -42.64 -1.79 -42.00
N ALA D 130 -42.47 -3.12 -41.98
CA ALA D 130 -43.32 -4.00 -41.17
C ALA D 130 -43.17 -3.74 -39.66
N GLU D 131 -41.93 -3.52 -39.21
CA GLU D 131 -41.68 -3.14 -37.84
C GLU D 131 -42.29 -1.83 -37.50
N ILE D 132 -42.18 -0.86 -38.38
CA ILE D 132 -42.74 0.46 -38.08
C ILE D 132 -44.27 0.36 -38.00
N ALA D 133 -44.87 -0.47 -38.83
CA ALA D 133 -46.32 -0.60 -38.93
C ALA D 133 -46.86 -1.40 -37.76
N ASN D 134 -46.27 -2.55 -37.52
CA ASN D 134 -46.70 -3.43 -36.49
C ASN D 134 -46.32 -3.05 -35.08
N LYS D 135 -45.20 -2.36 -34.87
CA LYS D 135 -44.77 -2.00 -33.52
C LYS D 135 -44.56 -0.54 -33.21
N GLN D 136 -44.70 0.33 -34.19
CA GLN D 136 -44.48 1.77 -34.00
C GLN D 136 -43.06 2.09 -33.56
N LYS D 137 -42.12 1.25 -33.99
CA LYS D 137 -40.71 1.43 -33.70
C LYS D 137 -39.89 1.11 -34.93
N ALA D 138 -38.68 1.64 -34.92
CA ALA D 138 -37.80 1.56 -36.05
C ALA D 138 -36.43 1.20 -35.53
N THR D 139 -36.01 -0.01 -35.87
CA THR D 139 -34.68 -0.50 -35.55
C THR D 139 -33.74 -0.30 -36.75
N LEU D 140 -32.70 0.54 -36.56
CA LEU D 140 -31.56 0.70 -37.46
C LEU D 140 -30.49 -0.28 -37.03
N VAL D 141 -29.85 -0.92 -38.00
CA VAL D 141 -28.78 -1.85 -37.71
C VAL D 141 -27.48 -1.41 -38.39
N CYS D 142 -26.43 -1.30 -37.59
CA CYS D 142 -25.13 -0.99 -38.14
C CYS D 142 -24.26 -2.24 -38.19
N LEU D 143 -23.59 -2.44 -39.31
CA LEU D 143 -22.76 -3.60 -39.50
C LEU D 143 -21.38 -3.21 -40.00
N ALA D 144 -20.36 -3.54 -39.21
CA ALA D 144 -18.96 -3.30 -39.59
C ALA D 144 -18.39 -4.64 -40.00
N ARG D 145 -17.87 -4.75 -41.22
CA ARG D 145 -17.32 -6.02 -41.66
C ARG D 145 -15.96 -5.89 -42.27
N GLY D 146 -15.25 -7.00 -42.25
CA GLY D 146 -13.98 -7.15 -42.96
C GLY D 146 -12.78 -6.51 -42.31
N PHE D 147 -12.82 -6.29 -40.99
CA PHE D 147 -11.71 -5.56 -40.31
C PHE D 147 -10.78 -6.51 -39.56
N PHE D 148 -9.55 -6.05 -39.35
CA PHE D 148 -8.58 -6.82 -38.65
C PHE D 148 -7.46 -5.88 -38.19
N PRO D 149 -6.97 -6.04 -36.95
CA PRO D 149 -7.45 -6.97 -35.90
C PRO D 149 -8.77 -6.44 -35.29
N ASP D 150 -9.20 -6.92 -34.12
CA ASP D 150 -10.53 -6.52 -33.57
C ASP D 150 -10.59 -5.29 -32.63
N HIS D 151 -9.78 -4.28 -32.86
CA HIS D 151 -9.75 -3.12 -31.98
C HIS D 151 -10.76 -2.17 -32.61
N VAL D 152 -12.06 -2.42 -32.45
CA VAL D 152 -13.08 -1.45 -32.87
C VAL D 152 -13.99 -0.98 -31.75
N GLU D 153 -14.44 0.26 -31.83
CA GLU D 153 -15.46 0.78 -30.93
C GLU D 153 -16.55 1.45 -31.78
N LEU D 154 -17.77 1.01 -31.57
CA LEU D 154 -18.90 1.47 -32.34
C LEU D 154 -19.72 2.43 -31.49
N SER D 155 -20.13 3.57 -32.07
CA SER D 155 -21.00 4.51 -31.37
C SER D 155 -22.08 5.02 -32.32
N TRP D 156 -23.19 5.49 -31.77
CA TRP D 156 -24.27 6.08 -32.52
C TRP D 156 -24.39 7.56 -32.21
N TRP D 157 -24.74 8.33 -33.24
CA TRP D 157 -24.80 9.77 -33.15
C TRP D 157 -26.12 10.21 -33.79
N VAL D 158 -26.97 10.85 -32.99
CA VAL D 158 -28.26 11.35 -33.42
C VAL D 158 -28.22 12.88 -33.42
N ASN D 159 -28.48 13.48 -34.57
CA ASN D 159 -28.40 14.95 -34.69
C ASN D 159 -27.11 15.53 -34.13
N GLY D 160 -26.00 14.89 -34.49
CA GLY D 160 -24.65 15.34 -34.08
C GLY D 160 -24.21 15.06 -32.64
N LYS D 161 -25.02 14.36 -31.85
CA LYS D 161 -24.67 14.07 -30.45
C LYS D 161 -24.86 12.58 -30.13
N GLU D 162 -23.92 12.04 -29.37
CA GLU D 162 -23.86 10.61 -29.12
C GLU D 162 -25.02 10.17 -28.28
N VAL D 163 -25.60 9.01 -28.59
CA VAL D 163 -26.68 8.42 -27.79
C VAL D 163 -26.32 7.06 -27.21
N HIS D 164 -26.93 6.72 -26.09
CA HIS D 164 -26.78 5.40 -25.44
C HIS D 164 -28.09 4.68 -25.27
N SER D 165 -29.14 5.45 -24.99
CA SER D 165 -30.51 4.97 -24.96
C SER D 165 -30.93 4.32 -26.29
N GLY D 166 -31.49 3.12 -26.20
CA GLY D 166 -31.94 2.40 -27.36
C GLY D 166 -30.87 1.72 -28.19
N VAL D 167 -29.67 1.52 -27.64
CA VAL D 167 -28.54 0.95 -28.37
C VAL D 167 -28.16 -0.38 -27.75
N CYS D 168 -27.90 -1.39 -28.56
CA CYS D 168 -27.15 -2.55 -28.09
C CYS D 168 -26.16 -2.95 -29.15
N THR D 169 -24.89 -3.01 -28.76
CA THR D 169 -23.78 -3.35 -29.62
C THR D 169 -23.23 -4.70 -29.17
N ASP D 170 -22.86 -5.58 -30.09
CA ASP D 170 -22.31 -6.88 -29.70
C ASP D 170 -21.10 -6.64 -28.79
N PRO D 171 -20.98 -7.38 -27.67
CA PRO D 171 -19.81 -7.20 -26.78
C PRO D 171 -18.50 -7.64 -27.45
N GLN D 172 -18.56 -8.69 -28.29
CA GLN D 172 -17.38 -9.26 -28.97
C GLN D 172 -17.56 -9.17 -30.48
N ALA D 173 -16.51 -8.75 -31.17
CA ALA D 173 -16.42 -8.90 -32.62
C ALA D 173 -16.48 -10.40 -32.98
N TYR D 174 -17.15 -10.71 -34.08
CA TYR D 174 -17.34 -12.08 -34.54
C TYR D 174 -16.25 -12.33 -35.60
N LYS D 175 -15.49 -13.41 -35.40
CA LYS D 175 -14.44 -13.76 -36.35
C LYS D 175 -15.05 -14.50 -37.55
N GLU D 176 -15.12 -13.86 -38.72
CA GLU D 176 -15.64 -14.49 -39.94
C GLU D 176 -14.66 -15.45 -40.60
N SER D 177 -13.37 -15.14 -40.51
CA SER D 177 -12.31 -15.99 -41.08
C SER D 177 -11.03 -15.49 -40.45
N ASN D 178 -9.90 -16.14 -40.72
CA ASN D 178 -8.63 -15.86 -40.03
C ASN D 178 -8.30 -14.39 -39.87
N TYR D 179 -8.50 -13.60 -40.92
CA TYR D 179 -8.10 -12.19 -40.88
C TYR D 179 -9.26 -11.25 -41.09
N SER D 180 -10.42 -11.58 -40.53
CA SER D 180 -11.61 -10.83 -40.87
C SER D 180 -12.63 -10.90 -39.76
N TYR D 181 -12.92 -9.75 -39.17
CA TYR D 181 -13.93 -9.67 -38.13
C TYR D 181 -15.12 -8.83 -38.56
N SER D 182 -16.24 -9.11 -37.89
CA SER D 182 -17.43 -8.33 -38.06
C SER D 182 -18.02 -7.97 -36.72
N LEU D 183 -18.71 -6.84 -36.68
CA LEU D 183 -19.40 -6.41 -35.46
C LEU D 183 -20.71 -5.78 -35.87
N SER D 184 -21.77 -6.03 -35.09
CA SER D 184 -23.04 -5.35 -35.27
C SER D 184 -23.57 -4.62 -34.04
N SER D 185 -24.50 -3.71 -34.33
CA SER D 185 -25.15 -2.89 -33.34
C SER D 185 -26.49 -2.45 -33.89
N ARG D 186 -27.42 -2.19 -33.00
CA ARG D 186 -28.68 -1.67 -33.43
C ARG D 186 -29.12 -0.53 -32.52
N LEU D 187 -29.84 0.40 -33.13
CA LEU D 187 -30.41 1.57 -32.47
C LEU D 187 -31.89 1.51 -32.80
N ARG D 188 -32.72 1.56 -31.76
CA ARG D 188 -34.15 1.52 -31.90
C ARG D 188 -34.74 2.84 -31.48
N VAL D 189 -35.55 3.43 -32.35
CA VAL D 189 -36.25 4.66 -32.02
C VAL D 189 -37.75 4.46 -32.34
N SER D 190 -38.55 5.44 -31.95
CA SER D 190 -39.98 5.42 -32.23
C SER D 190 -40.24 5.68 -33.72
N ALA D 191 -41.33 5.12 -34.25
CA ALA D 191 -41.75 5.34 -35.65
C ALA D 191 -41.77 6.83 -36.02
N THR D 192 -42.29 7.66 -35.13
CA THR D 192 -42.42 9.11 -35.36
C THR D 192 -41.08 9.85 -35.39
N PHE D 193 -40.13 9.38 -34.58
CA PHE D 193 -38.77 9.93 -34.59
C PHE D 193 -38.08 9.62 -35.92
N TRP D 194 -38.16 8.36 -36.34
CA TRP D 194 -37.67 7.93 -37.65
C TRP D 194 -38.36 8.63 -38.81
N HIS D 195 -39.65 8.91 -38.67
CA HIS D 195 -40.40 9.57 -39.75
C HIS D 195 -40.14 11.07 -39.87
N ASN D 196 -39.45 11.66 -38.89
CA ASN D 196 -39.12 13.07 -38.98
C ASN D 196 -37.87 13.34 -39.85
N PRO D 197 -38.01 14.07 -40.99
CA PRO D 197 -36.86 14.41 -41.85
C PRO D 197 -35.78 15.30 -41.22
N ARG D 198 -36.10 15.98 -40.12
CA ARG D 198 -35.12 16.79 -39.39
C ARG D 198 -34.12 15.96 -38.57
N ASN D 199 -34.32 14.65 -38.47
CA ASN D 199 -33.46 13.76 -37.67
C ASN D 199 -32.39 13.02 -38.46
N HIS D 200 -31.15 13.12 -37.98
CA HIS D 200 -29.99 12.55 -38.65
C HIS D 200 -29.42 11.44 -37.75
N PHE D 201 -29.23 10.27 -38.34
CA PHE D 201 -28.69 9.13 -37.63
C PHE D 201 -27.32 8.74 -38.23
N ARG D 202 -26.36 8.44 -37.36
CA ARG D 202 -25.01 8.04 -37.80
C ARG D 202 -24.46 6.95 -36.89
N CYS D 203 -24.02 5.87 -37.52
CA CYS D 203 -23.22 4.83 -36.89
C CYS D 203 -21.74 5.21 -37.12
N GLN D 204 -20.95 5.36 -36.05
CA GLN D 204 -19.47 5.59 -36.18
C GLN D 204 -18.70 4.39 -35.66
N VAL D 205 -17.81 3.86 -36.51
CA VAL D 205 -16.87 2.81 -36.15
C VAL D 205 -15.43 3.37 -36.06
N GLN D 206 -14.94 3.36 -34.83
CA GLN D 206 -13.59 3.74 -34.49
C GLN D 206 -12.72 2.53 -34.68
N PHE D 207 -11.85 2.55 -35.69
CA PHE D 207 -10.98 1.43 -35.93
C PHE D 207 -9.60 1.78 -35.45
N HIS D 208 -8.98 0.91 -34.66
CA HIS D 208 -7.57 1.13 -34.22
C HIS D 208 -6.63 0.22 -35.02
N GLY D 209 -5.77 0.83 -35.82
CA GLY D 209 -4.88 0.10 -36.68
C GLY D 209 -3.46 0.61 -36.46
N LEU D 210 -2.84 0.96 -37.55
CA LEU D 210 -1.48 1.48 -37.52
C LEU D 210 -1.51 2.97 -37.15
N SER D 211 -0.34 3.54 -36.87
CA SER D 211 -0.22 4.93 -36.47
C SER D 211 0.77 5.58 -37.43
N GLU D 212 1.35 6.73 -37.05
CA GLU D 212 2.39 7.37 -37.89
C GLU D 212 3.80 6.96 -37.57
N GLU D 213 4.00 6.25 -36.47
CA GLU D 213 5.24 5.49 -36.24
C GLU D 213 5.46 4.46 -37.38
N ASP D 214 4.39 3.90 -37.92
CA ASP D 214 4.48 2.85 -38.93
C ASP D 214 4.72 3.44 -40.32
N LYS D 215 5.72 2.90 -41.00
CA LYS D 215 6.01 3.31 -42.36
C LYS D 215 5.14 2.48 -43.27
N TRP D 216 4.68 3.05 -44.37
CA TRP D 216 3.89 2.31 -45.34
C TRP D 216 4.32 2.67 -46.78
N PRO D 217 4.56 1.65 -47.65
CA PRO D 217 5.00 1.92 -49.03
C PRO D 217 3.91 2.50 -49.92
N GLU D 218 4.27 2.85 -51.15
CA GLU D 218 3.44 3.72 -52.00
C GLU D 218 2.20 3.14 -52.68
N GLY D 219 2.14 1.82 -52.88
CA GLY D 219 1.06 1.20 -53.68
C GLY D 219 -0.39 1.32 -53.22
N SER D 220 -0.63 1.57 -51.92
CA SER D 220 -1.92 1.27 -51.31
C SER D 220 -2.16 2.08 -50.01
N PRO D 221 -3.43 2.25 -49.62
CA PRO D 221 -3.70 3.08 -48.45
C PRO D 221 -3.16 2.50 -47.13
N LYS D 222 -2.63 3.37 -46.29
CA LYS D 222 -2.10 2.93 -45.00
C LYS D 222 -3.29 2.65 -44.09
N PRO D 223 -3.38 1.43 -43.51
CA PRO D 223 -4.54 1.10 -42.65
C PRO D 223 -4.43 1.71 -41.23
N VAL D 224 -4.46 3.03 -41.19
CA VAL D 224 -4.31 3.75 -39.97
C VAL D 224 -5.58 3.70 -39.11
N THR D 225 -5.39 3.91 -37.82
CA THR D 225 -6.47 4.27 -36.91
C THR D 225 -7.38 5.39 -37.48
N GLN D 226 -8.69 5.17 -37.46
CA GLN D 226 -9.59 6.13 -38.09
C GLN D 226 -11.06 5.86 -37.75
N ASN D 227 -11.86 6.90 -37.84
CA ASN D 227 -13.29 6.77 -37.72
C ASN D 227 -13.92 6.57 -39.10
N ILE D 228 -14.83 5.61 -39.16
CA ILE D 228 -15.58 5.38 -40.38
C ILE D 228 -17.04 5.29 -40.01
N SER D 229 -17.84 6.08 -40.74
CA SER D 229 -19.28 6.24 -40.44
C SER D 229 -20.18 5.90 -41.60
N ALA D 230 -21.41 5.47 -41.26
CA ALA D 230 -22.51 5.42 -42.21
C ALA D 230 -23.66 6.20 -41.63
N GLU D 231 -24.47 6.81 -42.51
CA GLU D 231 -25.50 7.77 -42.09
C GLU D 231 -26.83 7.63 -42.83
N ALA D 232 -27.87 8.17 -42.20
CA ALA D 232 -29.23 8.22 -42.78
C ALA D 232 -30.04 9.28 -42.07
N TRP D 233 -30.96 9.87 -42.84
CA TRP D 233 -31.90 10.86 -42.35
C TRP D 233 -33.27 10.17 -42.19
N GLY D 234 -34.04 10.67 -41.24
CA GLY D 234 -35.41 10.27 -41.06
C GLY D 234 -36.19 10.70 -42.28
N ARG D 235 -37.30 10.01 -42.54
CA ARG D 235 -38.17 10.34 -43.66
C ARG D 235 -39.62 10.03 -43.32
N ALA D 236 -40.52 10.91 -43.70
CA ALA D 236 -41.95 10.66 -43.60
C ALA D 236 -42.44 9.87 -44.82
N ASP D 237 -41.99 8.62 -44.95
CA ASP D 237 -42.44 7.77 -46.07
C ASP D 237 -43.64 6.86 -45.76
N LYS E 1 4.41 -8.16 16.29
CA LYS E 1 4.68 -7.72 14.89
C LYS E 1 4.46 -6.22 14.75
N ALA E 2 5.26 -5.62 13.85
CA ALA E 2 5.26 -4.18 13.65
C ALA E 2 4.00 -3.63 12.93
N VAL E 3 3.73 -2.35 13.18
CA VAL E 3 2.73 -1.60 12.41
C VAL E 3 3.16 -1.46 10.94
N ALA E 4 2.19 -1.42 10.04
CA ALA E 4 2.46 -1.12 8.63
C ALA E 4 1.70 0.15 8.29
N ASN E 5 2.46 1.24 8.13
CA ASN E 5 1.89 2.55 7.90
C ASN E 5 1.15 2.60 6.56
N PHE E 6 0.14 3.46 6.52
CA PHE E 6 -0.83 3.56 5.42
C PHE E 6 -0.40 4.76 4.56
N ALA E 7 -1.16 5.86 4.55
CA ALA E 7 -0.83 7.02 3.73
C ALA E 7 0.42 7.70 4.27
N THR E 8 1.23 8.24 3.37
CA THR E 8 2.41 8.96 3.73
C THR E 8 2.04 10.31 4.29
N MET E 9 3.01 10.93 4.93
CA MET E 9 2.77 12.23 5.55
C MET E 9 2.50 13.33 4.53
#